data_2HCR
#
_entry.id   2HCR
#
_cell.length_a   170.236
_cell.length_b   170.236
_cell.length_c   61.820
_cell.angle_alpha   90.000
_cell.angle_beta   90.000
_cell.angle_gamma   120.000
#
_symmetry.space_group_name_H-M   'H 3'
#
loop_
_entity.id
_entity.type
_entity.pdbx_description
1 polymer 'Ribose-phosphate pyrophosphokinase I'
2 non-polymer 'SULFATE ION'
3 non-polymer 'CADMIUM ION'
4 non-polymer 'ADENOSINE MONOPHOSPHATE'
5 water water
#
_entity_poly.entity_id   1
_entity_poly.type   'polypeptide(L)'
_entity_poly.pdbx_seq_one_letter_code
;MPNIKIFSGSSHQDLSQKIADRLGLELGKVVTKKFSNQETCVEIGESVRGEDVYIVQSGCGEINDNLMELLIMINACKIA
SASRVTAVIPCFPYARQDKKDKSRAPISAKLVANMLSVAGADHIITMDLHASQIQGFFDIPVDNLYAEPAVLKWIRENIS
EWRNCTIVSPDAGGAKRVTSIADRLNVDFALIHKERKKANEVDRMVLVGDVKDRVAILVDDMADTCGTICHAADKLLSAG
ATRVYAILTHGIFSGPAISRINNACFEAVVVTNTIPQEDKMKHCSKIQVIDISMILAEAIRRTHNGESVSYLFSHVPLLE
HHHHHH
;
_entity_poly.pdbx_strand_id   A,B
#
loop_
_chem_comp.id
_chem_comp.type
_chem_comp.name
_chem_comp.formula
AMP non-polymer 'ADENOSINE MONOPHOSPHATE' 'C10 H14 N5 O7 P'
CD non-polymer 'CADMIUM ION' 'Cd 2'
SO4 non-polymer 'SULFATE ION' 'O4 S -2'
#
# COMPACT_ATOMS: atom_id res chain seq x y z
N ASN A 3 -33.36 -16.76 5.62
CA ASN A 3 -32.89 -15.45 5.08
C ASN A 3 -31.43 -15.52 4.64
N ILE A 4 -30.65 -16.39 5.27
CA ILE A 4 -29.24 -16.57 4.90
C ILE A 4 -29.03 -17.80 4.00
N LYS A 5 -28.21 -17.61 2.96
CA LYS A 5 -27.83 -18.68 2.04
C LYS A 5 -26.33 -18.65 1.74
N ILE A 6 -25.67 -19.78 1.95
CA ILE A 6 -24.26 -19.94 1.59
C ILE A 6 -24.13 -20.85 0.37
N PHE A 7 -23.44 -20.34 -0.65
CA PHE A 7 -23.10 -21.09 -1.86
C PHE A 7 -21.60 -21.23 -1.98
N SER A 8 -21.17 -22.31 -2.62
CA SER A 8 -19.74 -22.58 -2.83
C SER A 8 -19.40 -22.54 -4.30
N GLY A 9 -18.16 -22.14 -4.60
CA GLY A 9 -17.61 -22.18 -5.96
C GLY A 9 -17.08 -23.55 -6.35
N SER A 10 -17.58 -24.07 -7.48
CA SER A 10 -17.10 -25.31 -8.12
C SER A 10 -16.78 -26.52 -7.20
N SER A 11 -15.73 -27.25 -7.57
CA SER A 11 -15.46 -28.59 -7.03
C SER A 11 -14.90 -28.56 -5.60
N HIS A 12 -14.13 -27.51 -5.27
CA HIS A 12 -13.70 -27.31 -3.89
C HIS A 12 -14.89 -26.87 -3.04
N GLN A 13 -15.23 -27.70 -2.06
CA GLN A 13 -16.33 -27.40 -1.16
C GLN A 13 -15.90 -27.51 0.29
N ASP A 14 -14.64 -27.90 0.52
CA ASP A 14 -14.17 -28.21 1.88
C ASP A 14 -14.29 -27.06 2.86
N LEU A 15 -13.71 -25.90 2.52
CA LEU A 15 -13.84 -24.70 3.34
C LEU A 15 -15.30 -24.28 3.44
N SER A 16 -15.98 -24.24 2.31
CA SER A 16 -17.41 -23.89 2.22
C SER A 16 -18.31 -24.80 3.06
N GLN A 17 -17.99 -26.09 3.12
CA GLN A 17 -18.72 -27.05 3.95
C GLN A 17 -18.48 -26.74 5.43
N LYS A 18 -17.22 -26.51 5.78
CA LYS A 18 -16.85 -26.20 7.16
C LYS A 18 -17.61 -24.96 7.65
N ILE A 19 -17.67 -23.93 6.81
CA ILE A 19 -18.41 -22.70 7.10
C ILE A 19 -19.91 -23.01 7.28
N ALA A 20 -20.50 -23.72 6.33
CA ALA A 20 -21.91 -24.10 6.40
C ALA A 20 -22.25 -24.97 7.62
N ASP A 21 -21.33 -25.86 7.98
CA ASP A 21 -21.43 -26.68 9.19
C ASP A 21 -21.52 -25.83 10.44
N ARG A 22 -20.60 -24.88 10.57
CA ARG A 22 -20.51 -24.01 11.75
C ARG A 22 -21.74 -23.11 11.94
N LEU A 23 -22.50 -22.92 10.87
CA LEU A 23 -23.68 -22.06 10.91
C LEU A 23 -25.00 -22.84 10.92
N GLY A 24 -24.91 -24.17 10.92
CA GLY A 24 -26.09 -25.05 10.97
C GLY A 24 -26.87 -25.07 9.67
N LEU A 25 -26.13 -24.92 8.56
CA LEU A 25 -26.75 -24.79 7.24
C LEU A 25 -26.18 -25.80 6.27
N GLU A 26 -26.99 -26.13 5.26
CA GLU A 26 -26.49 -26.83 4.11
C GLU A 26 -26.12 -25.79 3.06
N LEU A 27 -25.09 -26.09 2.28
CA LEU A 27 -24.72 -25.27 1.14
C LEU A 27 -25.89 -25.24 0.16
N GLY A 28 -26.19 -24.06 -0.37
CA GLY A 28 -27.19 -23.91 -1.41
C GLY A 28 -26.87 -24.74 -2.64
N LYS A 29 -27.90 -25.25 -3.31
CA LYS A 29 -27.69 -26.04 -4.51
C LYS A 29 -27.43 -25.17 -5.74
N VAL A 30 -26.32 -25.45 -6.40
CA VAL A 30 -25.85 -24.70 -7.55
C VAL A 30 -25.09 -25.65 -8.47
N VAL A 31 -25.27 -25.48 -9.77
CA VAL A 31 -24.49 -26.21 -10.77
C VAL A 31 -23.37 -25.30 -11.27
N THR A 32 -22.13 -25.63 -10.92
CA THR A 32 -20.97 -24.86 -11.34
C THR A 32 -20.03 -25.73 -12.18
N LYS A 33 -20.10 -25.55 -13.50
CA LYS A 33 -19.30 -26.35 -14.44
C LYS A 33 -18.65 -25.49 -15.53
N LYS A 34 -18.08 -26.15 -16.52
CA LYS A 34 -17.62 -25.50 -17.74
C LYS A 34 -18.30 -26.14 -18.93
N PHE A 35 -18.73 -25.31 -19.88
CA PHE A 35 -19.22 -25.79 -21.17
C PHE A 35 -18.06 -26.41 -21.96
N SER A 36 -18.40 -27.06 -23.08
CA SER A 36 -17.39 -27.71 -23.92
C SER A 36 -16.26 -26.76 -24.32
N ASN A 37 -16.62 -25.53 -24.67
CA ASN A 37 -15.65 -24.53 -25.14
C ASN A 37 -14.93 -23.75 -24.03
N GLN A 38 -15.02 -24.24 -22.79
CA GLN A 38 -14.28 -23.67 -21.65
C GLN A 38 -15.01 -22.53 -20.93
N GLU A 39 -16.17 -22.13 -21.48
CA GLU A 39 -16.99 -21.09 -20.87
C GLU A 39 -17.61 -21.56 -19.56
N THR A 40 -17.56 -20.70 -18.55
CA THR A 40 -18.09 -21.02 -17.23
C THR A 40 -19.62 -21.12 -17.25
N CYS A 41 -20.12 -22.28 -16.82
CA CYS A 41 -21.54 -22.53 -16.68
C CYS A 41 -21.95 -22.44 -15.21
N VAL A 42 -22.95 -21.61 -14.91
CA VAL A 42 -23.52 -21.51 -13.56
C VAL A 42 -25.05 -21.55 -13.60
N GLU A 43 -25.63 -22.34 -12.69
CA GLU A 43 -27.08 -22.36 -12.52
C GLU A 43 -27.43 -22.45 -11.03
N ILE A 44 -28.09 -21.42 -10.52
CA ILE A 44 -28.55 -21.38 -9.12
C ILE A 44 -29.75 -22.31 -8.99
N GLY A 45 -29.58 -23.38 -8.20
CA GLY A 45 -30.57 -24.45 -8.14
C GLY A 45 -31.79 -24.20 -7.26
N GLU A 46 -31.85 -23.04 -6.62
CA GLU A 46 -32.97 -22.66 -5.75
C GLU A 46 -33.21 -21.15 -5.74
N SER A 47 -34.40 -20.73 -5.30
CA SER A 47 -34.73 -19.31 -5.17
C SER A 47 -33.85 -18.63 -4.13
N VAL A 48 -33.30 -17.47 -4.50
CA VAL A 48 -32.51 -16.64 -3.58
C VAL A 48 -33.21 -15.30 -3.35
N ARG A 49 -34.44 -15.19 -3.86
CA ARG A 49 -35.26 -13.98 -3.75
C ARG A 49 -35.46 -13.51 -2.31
N GLY A 50 -34.99 -12.30 -2.01
CA GLY A 50 -35.13 -11.70 -0.69
C GLY A 50 -34.17 -12.23 0.36
N GLU A 51 -33.17 -13.00 -0.08
CA GLU A 51 -32.23 -13.61 0.85
C GLU A 51 -30.88 -12.91 0.95
N ASP A 52 -30.23 -13.10 2.09
CA ASP A 52 -28.89 -12.60 2.35
C ASP A 52 -27.90 -13.69 1.92
N VAL A 53 -27.30 -13.49 0.74
CA VAL A 53 -26.51 -14.54 0.08
C VAL A 53 -25.00 -14.35 0.29
N TYR A 54 -24.32 -15.46 0.59
CA TYR A 54 -22.87 -15.49 0.73
C TYR A 54 -22.27 -16.50 -0.24
N ILE A 55 -21.42 -16.03 -1.15
CA ILE A 55 -20.75 -16.92 -2.08
C ILE A 55 -19.29 -17.06 -1.67
N VAL A 56 -18.89 -18.29 -1.36
CA VAL A 56 -17.51 -18.54 -0.96
C VAL A 56 -16.71 -18.98 -2.18
N GLN A 57 -15.71 -18.18 -2.52
CA GLN A 57 -14.81 -18.39 -3.66
C GLN A 57 -14.20 -19.79 -3.67
N SER A 58 -14.14 -20.41 -4.86
CA SER A 58 -13.64 -21.77 -5.01
C SER A 58 -12.16 -21.97 -4.68
N GLY A 59 -11.74 -23.23 -4.64
CA GLY A 59 -10.34 -23.59 -4.42
C GLY A 59 -9.83 -24.51 -5.52
N CYS A 60 -10.22 -24.20 -6.75
CA CYS A 60 -9.88 -25.05 -7.91
C CYS A 60 -8.73 -24.52 -8.77
N GLY A 61 -7.82 -23.78 -8.14
CA GLY A 61 -6.51 -23.44 -8.70
C GLY A 61 -6.45 -22.48 -9.88
N GLU A 62 -7.27 -22.73 -10.89
CA GLU A 62 -7.25 -21.87 -12.08
C GLU A 62 -7.92 -20.54 -11.72
N ILE A 63 -7.08 -19.54 -11.47
CA ILE A 63 -7.52 -18.25 -10.92
C ILE A 63 -8.57 -17.53 -11.76
N ASN A 64 -8.38 -17.53 -13.08
CA ASN A 64 -9.33 -16.87 -13.98
C ASN A 64 -10.70 -17.55 -14.09
N ASP A 65 -10.70 -18.88 -14.12
CA ASP A 65 -11.95 -19.66 -14.04
C ASP A 65 -12.67 -19.45 -12.72
N ASN A 66 -11.92 -19.48 -11.62
CA ASN A 66 -12.51 -19.25 -10.31
C ASN A 66 -13.08 -17.84 -10.16
N LEU A 67 -12.34 -16.84 -10.63
CA LEU A 67 -12.81 -15.47 -10.65
C LEU A 67 -14.07 -15.29 -11.50
N MET A 68 -14.06 -15.79 -12.73
CA MET A 68 -15.26 -15.71 -13.59
C MET A 68 -16.45 -16.45 -12.98
N GLU A 69 -16.21 -17.64 -12.41
CA GLU A 69 -17.25 -18.41 -11.74
C GLU A 69 -17.90 -17.60 -10.61
N LEU A 70 -17.06 -16.97 -9.80
CA LEU A 70 -17.52 -16.10 -8.72
C LEU A 70 -18.38 -14.93 -9.22
N LEU A 71 -17.91 -14.27 -10.27
CA LEU A 71 -18.60 -13.08 -10.81
C LEU A 71 -19.95 -13.45 -11.41
N ILE A 72 -20.00 -14.60 -12.07
CA ILE A 72 -21.21 -15.11 -12.70
C ILE A 72 -22.24 -15.52 -11.64
N MET A 73 -21.76 -16.13 -10.56
CA MET A 73 -22.62 -16.50 -9.43
C MET A 73 -23.25 -15.26 -8.80
N ILE A 74 -22.42 -14.26 -8.50
CA ILE A 74 -22.87 -12.96 -8.01
C ILE A 74 -23.96 -12.37 -8.92
N ASN A 75 -23.68 -12.34 -10.23
CA ASN A 75 -24.61 -11.80 -11.21
C ASN A 75 -25.95 -12.52 -11.22
N ALA A 76 -25.90 -13.86 -11.28
CA ALA A 76 -27.10 -14.71 -11.29
C ALA A 76 -27.95 -14.49 -10.04
N CYS A 77 -27.29 -14.40 -8.88
CA CYS A 77 -27.99 -14.12 -7.62
C CYS A 77 -28.62 -12.73 -7.59
N LYS A 78 -27.90 -11.73 -8.08
CA LYS A 78 -28.37 -10.34 -8.10
C LYS A 78 -29.59 -10.15 -9.01
N ILE A 79 -29.57 -10.74 -10.20
CA ILE A 79 -30.72 -10.63 -11.11
C ILE A 79 -31.87 -11.59 -10.74
N ALA A 80 -31.60 -12.50 -9.80
CA ALA A 80 -32.60 -13.37 -9.18
C ALA A 80 -33.15 -12.78 -7.88
N SER A 81 -32.93 -11.47 -7.71
CA SER A 81 -33.54 -10.66 -6.66
C SER A 81 -33.11 -11.01 -5.25
N ALA A 82 -31.86 -11.46 -5.09
CA ALA A 82 -31.27 -11.59 -3.75
C ALA A 82 -31.33 -10.23 -3.08
N SER A 83 -31.58 -10.25 -1.78
CA SER A 83 -31.63 -9.01 -1.00
C SER A 83 -30.25 -8.37 -0.92
N ARG A 84 -29.22 -9.21 -0.73
CA ARG A 84 -27.85 -8.75 -0.56
C ARG A 84 -26.92 -9.88 -1.00
N VAL A 85 -25.81 -9.53 -1.66
CA VAL A 85 -24.79 -10.52 -2.06
C VAL A 85 -23.41 -10.17 -1.54
N THR A 86 -22.85 -11.08 -0.75
CA THR A 86 -21.52 -10.90 -0.20
C THR A 86 -20.59 -11.92 -0.83
N ALA A 87 -19.43 -11.43 -1.28
CA ALA A 87 -18.38 -12.29 -1.79
C ALA A 87 -17.41 -12.59 -0.66
N VAL A 88 -17.27 -13.87 -0.35
CA VAL A 88 -16.35 -14.34 0.69
C VAL A 88 -15.15 -14.90 -0.06
N ILE A 89 -14.05 -14.16 -0.02
CA ILE A 89 -12.88 -14.45 -0.82
C ILE A 89 -11.67 -14.54 0.09
N PRO A 90 -11.43 -15.74 0.67
CA PRO A 90 -10.35 -15.92 1.63
C PRO A 90 -9.00 -15.39 1.15
N CYS A 91 -8.60 -15.77 -0.07
CA CYS A 91 -7.38 -15.27 -0.68
C CYS A 91 -7.76 -14.39 -1.88
N PHE A 92 -7.58 -13.08 -1.75
CA PHE A 92 -7.99 -12.13 -2.80
C PHE A 92 -7.12 -12.25 -4.06
N PRO A 93 -7.73 -12.61 -5.21
CA PRO A 93 -7.00 -12.76 -6.47
C PRO A 93 -6.44 -11.44 -6.97
N TYR A 94 -5.22 -11.48 -7.52
CA TYR A 94 -4.54 -10.34 -8.15
C TYR A 94 -4.10 -9.24 -7.18
N ALA A 95 -4.09 -9.56 -5.89
CA ALA A 95 -3.73 -8.63 -4.82
C ALA A 95 -2.28 -8.11 -4.92
N ARG A 96 -1.37 -8.92 -5.46
CA ARG A 96 0.01 -8.50 -5.71
C ARG A 96 0.14 -7.47 -6.85
N GLN A 97 -0.87 -7.41 -7.72
CA GLN A 97 -0.92 -6.34 -8.73
C GLN A 97 -1.79 -5.18 -8.26
N ASP A 98 -1.30 -4.49 -7.24
CA ASP A 98 -2.06 -3.42 -6.58
C ASP A 98 -1.44 -2.03 -6.77
N LYS A 99 -0.39 -1.97 -7.59
CA LYS A 99 0.27 -0.72 -7.97
C LYS A 99 1.02 -0.88 -9.31
N LYS A 100 1.31 0.23 -9.96
CA LYS A 100 2.03 0.21 -11.24
C LYS A 100 3.49 -0.19 -11.08
N ASP A 101 4.09 0.19 -9.95
CA ASP A 101 5.45 -0.20 -9.59
C ASP A 101 6.49 0.27 -10.62
N LYS A 102 6.38 1.54 -11.03
CA LYS A 102 7.26 2.16 -12.06
C LYS A 102 7.09 1.68 -13.51
N SER A 103 6.27 0.65 -13.71
CA SER A 103 6.01 0.12 -15.06
C SER A 103 4.69 0.63 -15.64
N ARG A 104 4.53 0.53 -16.97
CA ARG A 104 3.24 0.71 -17.63
C ARG A 104 2.41 -0.55 -17.41
N ALA A 105 2.07 -0.78 -16.14
CA ALA A 105 1.43 -2.01 -15.70
C ALA A 105 -0.05 -1.78 -15.33
N PRO A 106 -0.85 -2.86 -15.33
CA PRO A 106 -2.22 -2.76 -14.86
C PRO A 106 -2.26 -2.70 -13.33
N ILE A 107 -3.31 -2.11 -12.77
CA ILE A 107 -3.61 -2.34 -11.36
C ILE A 107 -4.74 -3.38 -11.37
N SER A 108 -4.37 -4.63 -11.57
CA SER A 108 -5.32 -5.73 -11.76
C SER A 108 -6.22 -5.94 -10.55
N ALA A 109 -5.72 -5.58 -9.37
CA ALA A 109 -6.50 -5.69 -8.14
C ALA A 109 -7.66 -4.69 -8.09
N LYS A 110 -7.45 -3.52 -8.68
CA LYS A 110 -8.54 -2.54 -8.83
C LYS A 110 -9.55 -2.96 -9.90
N LEU A 111 -9.06 -3.47 -11.03
CA LEU A 111 -9.94 -4.04 -12.05
C LEU A 111 -10.85 -5.11 -11.41
N VAL A 112 -10.24 -6.03 -10.64
CA VAL A 112 -10.97 -7.09 -9.93
C VAL A 112 -12.02 -6.49 -8.98
N ALA A 113 -11.63 -5.48 -8.21
CA ALA A 113 -12.57 -4.75 -7.35
C ALA A 113 -13.72 -4.18 -8.15
N ASN A 114 -13.41 -3.56 -9.30
CA ASN A 114 -14.43 -3.00 -10.19
C ASN A 114 -15.33 -4.06 -10.80
N MET A 115 -14.77 -5.21 -11.14
CA MET A 115 -15.58 -6.30 -11.70
C MET A 115 -16.51 -6.91 -10.67
N LEU A 116 -16.01 -7.11 -9.46
CA LEU A 116 -16.85 -7.60 -8.35
C LEU A 116 -18.00 -6.66 -8.07
N SER A 117 -17.71 -5.36 -8.07
CA SER A 117 -18.71 -4.33 -7.81
C SER A 117 -19.77 -4.28 -8.90
N VAL A 118 -19.33 -4.26 -10.16
CA VAL A 118 -20.28 -4.24 -11.29
C VAL A 118 -21.03 -5.56 -11.41
N ALA A 119 -20.43 -6.67 -10.97
CA ALA A 119 -21.15 -7.95 -10.92
C ALA A 119 -22.33 -7.88 -9.93
N GLY A 120 -22.18 -7.06 -8.89
CA GLY A 120 -23.26 -6.83 -7.95
C GLY A 120 -22.96 -7.21 -6.51
N ALA A 121 -21.69 -7.39 -6.16
CA ALA A 121 -21.29 -7.61 -4.76
C ALA A 121 -21.63 -6.38 -3.91
N ASP A 122 -22.25 -6.61 -2.76
CA ASP A 122 -22.63 -5.54 -1.83
C ASP A 122 -21.64 -5.41 -0.68
N HIS A 123 -20.78 -6.42 -0.55
CA HIS A 123 -19.89 -6.55 0.61
C HIS A 123 -18.85 -7.60 0.29
N ILE A 124 -17.63 -7.37 0.76
CA ILE A 124 -16.53 -8.32 0.62
C ILE A 124 -16.04 -8.75 2.00
N ILE A 125 -15.92 -10.07 2.19
CA ILE A 125 -15.20 -10.64 3.32
C ILE A 125 -13.96 -11.36 2.79
N THR A 126 -12.79 -11.00 3.30
CA THR A 126 -11.53 -11.57 2.85
C THR A 126 -10.60 -11.74 4.05
N MET A 127 -9.46 -12.38 3.84
CA MET A 127 -8.45 -12.53 4.89
C MET A 127 -7.06 -12.06 4.45
N ASP A 128 -6.43 -11.26 5.30
CA ASP A 128 -5.08 -10.71 5.08
C ASP A 128 -4.79 -10.25 3.64
N LEU A 129 -5.51 -9.22 3.21
CA LEU A 129 -5.21 -8.53 1.95
C LEU A 129 -3.73 -8.26 1.84
N HIS A 130 -3.14 -8.53 0.67
CA HIS A 130 -1.70 -8.31 0.44
C HIS A 130 -1.32 -6.89 0.87
N ALA A 131 -2.12 -5.92 0.48
CA ALA A 131 -2.01 -4.56 0.98
C ALA A 131 -3.36 -4.12 1.48
N SER A 132 -3.39 -3.60 2.70
CA SER A 132 -4.60 -3.14 3.37
C SER A 132 -5.35 -2.03 2.59
N GLN A 133 -4.61 -1.32 1.73
CA GLN A 133 -5.14 -0.28 0.83
C GLN A 133 -6.13 -0.80 -0.21
N ILE A 134 -6.08 -2.10 -0.50
CA ILE A 134 -7.02 -2.75 -1.43
C ILE A 134 -8.48 -2.57 -0.99
N GLN A 135 -8.69 -2.44 0.31
CA GLN A 135 -10.01 -2.11 0.86
C GLN A 135 -10.60 -0.87 0.18
N GLY A 136 -9.75 0.12 -0.06
CA GLY A 136 -10.16 1.35 -0.74
C GLY A 136 -10.29 1.27 -2.26
N PHE A 137 -10.06 0.08 -2.83
CA PHE A 137 -10.35 -0.16 -4.25
C PHE A 137 -11.84 -0.40 -4.47
N PHE A 138 -12.58 -0.51 -3.37
CA PHE A 138 -14.03 -0.67 -3.40
C PHE A 138 -14.69 0.58 -2.84
N ASP A 139 -15.97 0.74 -3.12
CA ASP A 139 -16.81 1.73 -2.43
C ASP A 139 -17.79 1.00 -1.49
N ILE A 140 -17.95 -0.29 -1.72
CA ILE A 140 -18.72 -1.17 -0.86
C ILE A 140 -17.87 -1.53 0.37
N PRO A 141 -18.51 -1.88 1.50
CA PRO A 141 -17.76 -2.30 2.69
C PRO A 141 -16.92 -3.58 2.47
N VAL A 142 -15.69 -3.57 2.98
CA VAL A 142 -14.82 -4.74 3.03
C VAL A 142 -14.44 -4.99 4.48
N ASP A 143 -14.61 -6.24 4.91
CA ASP A 143 -14.04 -6.71 6.16
C ASP A 143 -12.79 -7.53 5.84
N ASN A 144 -11.64 -7.04 6.28
CA ASN A 144 -10.36 -7.69 6.08
C ASN A 144 -9.95 -8.39 7.38
N LEU A 145 -10.20 -9.70 7.43
CA LEU A 145 -9.88 -10.50 8.61
C LEU A 145 -8.40 -10.82 8.70
N TYR A 146 -7.91 -11.04 9.93
CA TYR A 146 -6.50 -11.31 10.16
C TYR A 146 -6.27 -12.73 10.66
N ALA A 147 -5.22 -13.36 10.12
CA ALA A 147 -4.78 -14.66 10.64
C ALA A 147 -3.87 -14.47 11.84
N GLU A 148 -3.46 -13.23 12.10
CA GLU A 148 -2.50 -12.88 13.16
C GLU A 148 -2.82 -13.49 14.53
N PRO A 149 -4.05 -13.29 15.06
CA PRO A 149 -4.30 -13.87 16.38
C PRO A 149 -4.08 -15.39 16.42
N ALA A 150 -4.48 -16.08 15.37
CA ALA A 150 -4.30 -17.53 15.25
C ALA A 150 -2.84 -17.94 15.03
N VAL A 151 -2.07 -17.08 14.36
CA VAL A 151 -0.64 -17.29 14.13
C VAL A 151 0.10 -17.13 15.46
N LEU A 152 -0.23 -16.06 16.20
CA LEU A 152 0.27 -15.81 17.55
C LEU A 152 0.03 -17.01 18.46
N LYS A 153 -1.21 -17.51 18.47
CA LYS A 153 -1.59 -18.71 19.21
C LYS A 153 -0.68 -19.88 18.83
N TRP A 154 -0.55 -20.16 17.53
CA TRP A 154 0.27 -21.28 17.07
C TRP A 154 1.74 -21.19 17.49
N ILE A 155 2.35 -20.00 17.40
CA ILE A 155 3.74 -19.78 17.82
C ILE A 155 3.95 -20.13 19.30
N ARG A 156 3.16 -19.51 20.18
CA ARG A 156 3.23 -19.76 21.63
C ARG A 156 3.00 -21.23 21.97
N GLU A 157 2.12 -21.87 21.20
CA GLU A 157 1.69 -23.25 21.45
C GLU A 157 2.64 -24.33 20.93
N ASN A 158 3.39 -24.02 19.88
CA ASN A 158 4.17 -25.05 19.18
C ASN A 158 5.68 -24.85 19.17
N ILE A 159 6.12 -23.64 19.47
CA ILE A 159 7.56 -23.35 19.50
C ILE A 159 7.99 -23.09 20.95
N SER A 160 8.81 -23.99 21.50
CA SER A 160 9.21 -23.93 22.90
C SER A 160 10.08 -22.71 23.23
N GLU A 161 10.99 -22.35 22.32
CA GLU A 161 11.88 -21.20 22.51
C GLU A 161 11.30 -19.89 21.97
N TRP A 162 9.97 -19.78 21.88
CA TRP A 162 9.33 -18.60 21.28
C TRP A 162 9.62 -17.25 21.97
N ARG A 163 9.98 -17.29 23.25
CA ARG A 163 10.19 -16.08 24.04
C ARG A 163 11.51 -15.37 23.70
N ASN A 164 12.46 -16.11 23.16
CA ASN A 164 13.74 -15.55 22.72
C ASN A 164 13.96 -15.73 21.22
N CYS A 165 12.86 -15.76 20.46
CA CYS A 165 12.91 -15.97 19.01
C CYS A 165 12.98 -14.65 18.21
N THR A 166 13.18 -14.79 16.90
CA THR A 166 13.19 -13.67 15.97
C THR A 166 12.16 -13.91 14.87
N ILE A 167 11.30 -12.91 14.65
CA ILE A 167 10.35 -12.93 13.53
C ILE A 167 11.01 -12.27 12.32
N VAL A 168 11.22 -13.05 11.26
CA VAL A 168 11.98 -12.61 10.10
C VAL A 168 11.08 -12.35 8.89
N SER A 169 11.32 -11.24 8.20
CA SER A 169 10.63 -10.93 6.95
C SER A 169 11.46 -11.36 5.75
N PRO A 170 10.87 -12.13 4.83
CA PRO A 170 11.54 -12.65 3.63
C PRO A 170 11.98 -11.54 2.67
N ASP A 171 11.34 -10.38 2.75
CA ASP A 171 11.70 -9.24 1.90
C ASP A 171 11.48 -7.90 2.60
N ALA A 172 11.87 -6.82 1.91
CA ALA A 172 11.73 -5.45 2.38
C ALA A 172 10.26 -5.06 2.62
N GLY A 173 9.38 -5.50 1.73
CA GLY A 173 7.96 -5.16 1.78
C GLY A 173 7.22 -5.65 3.01
N GLY A 174 7.62 -6.81 3.52
CA GLY A 174 6.94 -7.44 4.65
C GLY A 174 7.37 -6.98 6.03
N ALA A 175 8.06 -5.84 6.08
CA ALA A 175 8.57 -5.26 7.32
C ALA A 175 7.50 -5.02 8.39
N LYS A 176 6.41 -4.36 8.01
CA LYS A 176 5.37 -3.94 8.96
C LYS A 176 4.63 -5.15 9.54
N ARG A 177 4.45 -6.18 8.70
CA ARG A 177 3.84 -7.43 9.09
C ARG A 177 4.60 -8.17 10.20
N VAL A 178 5.93 -8.22 10.10
CA VAL A 178 6.75 -8.94 11.10
C VAL A 178 7.01 -8.15 12.38
N THR A 179 7.18 -6.83 12.28
CA THR A 179 7.34 -5.97 13.46
C THR A 179 6.09 -5.95 14.33
N SER A 180 4.93 -6.05 13.68
CA SER A 180 3.65 -6.19 14.37
C SER A 180 3.64 -7.46 15.23
N ILE A 181 4.11 -8.56 14.65
CA ILE A 181 4.13 -9.86 15.32
C ILE A 181 5.22 -9.90 16.40
N ALA A 182 6.39 -9.34 16.08
CA ALA A 182 7.48 -9.23 17.05
C ALA A 182 7.14 -8.37 18.26
N ASP A 183 6.38 -7.29 18.04
CA ASP A 183 5.92 -6.43 19.13
C ASP A 183 4.89 -7.11 20.02
N ARG A 184 4.00 -7.89 19.41
CA ARG A 184 2.96 -8.65 20.13
C ARG A 184 3.53 -9.74 21.04
N LEU A 185 4.57 -10.41 20.56
CA LEU A 185 5.23 -11.47 21.32
C LEU A 185 6.35 -10.94 22.23
N ASN A 186 6.62 -9.64 22.13
CA ASN A 186 7.77 -9.01 22.78
C ASN A 186 9.10 -9.66 22.43
N VAL A 187 9.34 -9.85 21.13
CA VAL A 187 10.54 -10.51 20.64
C VAL A 187 11.25 -9.67 19.56
N ASP A 188 12.38 -10.18 19.06
CA ASP A 188 13.19 -9.49 18.06
C ASP A 188 12.61 -9.67 16.66
N PHE A 189 12.94 -8.75 15.76
CA PHE A 189 12.61 -8.93 14.35
C PHE A 189 13.88 -8.76 13.51
N ALA A 190 13.85 -9.32 12.30
CA ALA A 190 14.94 -9.14 11.33
C ALA A 190 14.37 -9.12 9.91
N LEU A 191 15.15 -8.62 8.96
CA LEU A 191 14.69 -8.53 7.58
C LEU A 191 15.72 -8.98 6.56
N ILE A 192 15.24 -9.67 5.53
CA ILE A 192 16.06 -10.12 4.43
C ILE A 192 15.76 -9.29 3.18
N HIS A 193 16.79 -9.00 2.39
CA HIS A 193 16.64 -8.26 1.14
C HIS A 193 17.55 -8.84 0.05
N LYS A 194 17.02 -8.95 -1.16
CA LYS A 194 17.79 -9.37 -2.33
C LYS A 194 18.43 -8.20 -3.07
N GLU A 195 19.76 -8.17 -3.04
CA GLU A 195 20.55 -7.10 -3.68
C GLU A 195 20.29 -7.02 -5.19
N ARG A 196 19.70 -5.91 -5.62
CA ARG A 196 19.34 -5.72 -7.03
C ARG A 196 20.39 -4.92 -7.82
N ASP A 203 21.66 -12.26 -7.76
CA ASP A 203 21.39 -11.47 -6.57
C ASP A 203 21.88 -12.18 -5.30
N ARG A 204 22.53 -11.42 -4.42
CA ARG A 204 22.91 -11.93 -3.10
C ARG A 204 21.89 -11.50 -2.05
N MET A 205 21.74 -12.29 -0.99
CA MET A 205 20.81 -11.96 0.08
C MET A 205 21.50 -11.28 1.25
N VAL A 206 20.87 -10.22 1.76
CA VAL A 206 21.36 -9.47 2.90
C VAL A 206 20.36 -9.60 4.04
N LEU A 207 20.89 -9.79 5.25
CA LEU A 207 20.08 -9.89 6.46
C LEU A 207 20.42 -8.74 7.40
N VAL A 208 19.39 -8.04 7.86
CA VAL A 208 19.54 -7.03 8.91
C VAL A 208 18.75 -7.47 10.16
N GLY A 209 19.44 -7.50 11.30
CA GLY A 209 18.84 -7.95 12.55
C GLY A 209 19.52 -9.19 13.10
N ASP A 210 19.34 -9.45 14.39
CA ASP A 210 20.04 -10.55 15.06
C ASP A 210 19.22 -11.84 15.08
N VAL A 211 19.79 -12.90 14.52
CA VAL A 211 19.17 -14.23 14.52
C VAL A 211 20.06 -15.32 15.12
N LYS A 212 21.31 -14.97 15.39
CA LYS A 212 22.33 -15.91 15.90
C LYS A 212 21.88 -16.58 17.21
N ASP A 213 21.92 -17.91 17.21
CA ASP A 213 21.65 -18.75 18.40
C ASP A 213 20.19 -18.70 18.88
N ARG A 214 19.29 -18.30 18.00
CA ARG A 214 17.87 -18.24 18.34
C ARG A 214 16.99 -18.76 17.21
N VAL A 215 15.79 -19.22 17.56
CA VAL A 215 14.84 -19.73 16.59
C VAL A 215 14.33 -18.58 15.72
N ALA A 216 14.41 -18.77 14.40
CA ALA A 216 13.95 -17.75 13.45
C ALA A 216 12.64 -18.19 12.80
N ILE A 217 11.64 -17.31 12.87
CA ILE A 217 10.34 -17.57 12.26
C ILE A 217 10.11 -16.63 11.08
N LEU A 218 10.16 -17.16 9.86
CA LEU A 218 9.81 -16.40 8.67
C LEU A 218 8.31 -16.22 8.57
N VAL A 219 7.86 -14.97 8.56
CA VAL A 219 6.44 -14.65 8.44
C VAL A 219 6.18 -13.78 7.20
N ASP A 220 5.15 -14.16 6.45
CA ASP A 220 4.74 -13.46 5.23
C ASP A 220 3.25 -13.70 4.97
N ASP A 221 2.63 -12.86 4.14
CA ASP A 221 1.20 -13.02 3.86
C ASP A 221 0.93 -14.23 2.96
N MET A 222 1.93 -14.61 2.17
CA MET A 222 1.78 -15.68 1.19
C MET A 222 3.10 -16.26 0.70
N ALA A 223 3.07 -17.53 0.29
CA ALA A 223 4.20 -18.17 -0.37
C ALA A 223 3.74 -18.90 -1.61
N ASP A 224 4.29 -18.49 -2.74
CA ASP A 224 3.91 -19.02 -4.03
C ASP A 224 4.90 -20.11 -4.47
N THR A 225 5.91 -19.74 -5.26
CA THR A 225 6.91 -20.71 -5.72
C THR A 225 7.87 -21.06 -4.59
N CYS A 226 7.81 -20.28 -3.52
CA CYS A 226 8.58 -20.48 -2.29
C CYS A 226 10.08 -20.30 -2.50
N GLY A 227 10.46 -19.65 -3.59
CA GLY A 227 11.87 -19.39 -3.88
C GLY A 227 12.48 -18.39 -2.90
N THR A 228 11.74 -17.31 -2.66
CA THR A 228 12.13 -16.29 -1.69
C THR A 228 12.26 -16.89 -0.28
N ILE A 229 11.20 -17.58 0.18
CA ILE A 229 11.17 -18.17 1.51
C ILE A 229 12.24 -19.26 1.75
N CYS A 230 12.57 -20.01 0.71
CA CYS A 230 13.58 -21.06 0.81
C CYS A 230 15.00 -20.52 0.80
N HIS A 231 15.25 -19.50 -0.02
CA HIS A 231 16.55 -18.84 -0.02
C HIS A 231 16.76 -18.08 1.30
N ALA A 232 15.70 -17.44 1.79
CA ALA A 232 15.72 -16.77 3.10
C ALA A 232 16.08 -17.72 4.23
N ALA A 233 15.55 -18.94 4.18
CA ALA A 233 15.83 -19.98 5.18
C ALA A 233 17.30 -20.40 5.20
N ASP A 234 17.90 -20.52 4.03
CA ASP A 234 19.33 -20.81 3.90
C ASP A 234 20.16 -19.72 4.57
N LYS A 235 19.83 -18.47 4.24
CA LYS A 235 20.55 -17.32 4.77
C LYS A 235 20.43 -17.22 6.29
N LEU A 236 19.24 -17.54 6.80
CA LEU A 236 19.00 -17.59 8.23
C LEU A 236 19.79 -18.70 8.94
N LEU A 237 19.99 -19.83 8.24
CA LEU A 237 20.82 -20.92 8.76
C LEU A 237 22.30 -20.55 8.83
N SER A 238 22.79 -19.90 7.77
CA SER A 238 24.17 -19.41 7.69
C SER A 238 24.47 -18.33 8.74
N ALA A 239 23.43 -17.65 9.19
CA ALA A 239 23.56 -16.59 10.18
C ALA A 239 23.46 -17.13 11.62
N GLY A 240 23.36 -18.47 11.74
CA GLY A 240 23.41 -19.13 13.03
C GLY A 240 22.09 -19.23 13.77
N ALA A 241 20.97 -19.20 13.03
CA ALA A 241 19.65 -19.43 13.61
C ALA A 241 19.52 -20.90 14.00
N THR A 242 18.99 -21.13 15.19
CA THR A 242 18.83 -22.48 15.74
C THR A 242 18.01 -23.35 14.80
N ARG A 243 16.75 -22.96 14.62
CA ARG A 243 15.83 -23.62 13.69
C ARG A 243 14.96 -22.56 12.99
N VAL A 244 14.60 -22.82 11.74
CA VAL A 244 13.79 -21.88 10.98
C VAL A 244 12.38 -22.41 10.67
N TYR A 245 11.38 -21.58 10.96
CA TYR A 245 9.99 -21.85 10.62
C TYR A 245 9.54 -20.89 9.54
N ALA A 246 8.52 -21.27 8.78
CA ALA A 246 7.88 -20.39 7.82
C ALA A 246 6.39 -20.37 8.09
N ILE A 247 5.84 -19.18 8.34
CA ILE A 247 4.40 -19.03 8.59
C ILE A 247 3.76 -18.04 7.61
N LEU A 248 2.85 -18.55 6.80
CA LEU A 248 2.16 -17.77 5.77
C LEU A 248 0.67 -17.98 5.92
N THR A 249 -0.11 -16.92 5.78
CA THR A 249 -1.57 -17.09 5.79
C THR A 249 -2.07 -17.76 4.50
N HIS A 250 -1.57 -17.30 3.35
CA HIS A 250 -1.97 -17.87 2.06
C HIS A 250 -0.88 -18.78 1.49
N GLY A 251 -1.16 -20.08 1.47
CA GLY A 251 -0.23 -21.07 0.95
C GLY A 251 -0.60 -21.48 -0.46
N ILE A 252 -0.13 -20.70 -1.43
CA ILE A 252 -0.43 -20.96 -2.83
C ILE A 252 0.32 -22.21 -3.33
N PHE A 253 1.62 -22.24 -3.08
CA PHE A 253 2.51 -23.38 -3.41
C PHE A 253 2.39 -23.86 -4.86
N SER A 254 2.65 -22.98 -5.83
CA SER A 254 2.61 -23.35 -7.24
C SER A 254 4.00 -23.67 -7.79
N GLY A 255 4.02 -24.41 -8.89
CA GLY A 255 5.27 -24.77 -9.56
C GLY A 255 6.13 -25.71 -8.73
N PRO A 256 7.41 -25.36 -8.50
CA PRO A 256 8.37 -26.21 -7.80
C PRO A 256 8.29 -26.11 -6.26
N ALA A 257 7.31 -25.37 -5.76
CA ALA A 257 7.20 -25.04 -4.33
C ALA A 257 7.33 -26.23 -3.37
N ILE A 258 6.58 -27.30 -3.64
CA ILE A 258 6.57 -28.49 -2.78
C ILE A 258 7.94 -29.18 -2.71
N SER A 259 8.59 -29.31 -3.87
CA SER A 259 9.93 -29.90 -3.94
C SER A 259 10.96 -29.01 -3.24
N ARG A 260 10.82 -27.70 -3.39
CA ARG A 260 11.70 -26.73 -2.75
C ARG A 260 11.64 -26.81 -1.23
N ILE A 261 10.42 -26.90 -0.68
CA ILE A 261 10.20 -27.00 0.77
C ILE A 261 10.83 -28.27 1.37
N ASN A 262 10.56 -29.41 0.73
CA ASN A 262 11.14 -30.70 1.14
C ASN A 262 12.67 -30.68 1.16
N ASN A 263 13.28 -30.04 0.17
CA ASN A 263 14.73 -29.86 0.11
C ASN A 263 15.26 -28.84 1.12
N ALA A 264 14.41 -27.92 1.55
CA ALA A 264 14.80 -26.86 2.49
C ALA A 264 14.86 -27.38 3.92
N CYS A 265 15.41 -26.55 4.81
CA CYS A 265 15.68 -26.94 6.19
C CYS A 265 14.54 -26.62 7.18
N PHE A 266 13.37 -26.28 6.67
CA PHE A 266 12.25 -25.86 7.53
C PHE A 266 11.88 -26.92 8.57
N GLU A 267 11.73 -26.49 9.82
CA GLU A 267 11.20 -27.33 10.87
C GLU A 267 9.72 -27.58 10.63
N ALA A 268 9.01 -26.55 10.18
CA ALA A 268 7.61 -26.62 9.80
C ALA A 268 7.23 -25.42 8.92
N VAL A 269 6.31 -25.64 7.99
CA VAL A 269 5.70 -24.56 7.21
C VAL A 269 4.22 -24.51 7.57
N VAL A 270 3.78 -23.39 8.14
CA VAL A 270 2.42 -23.26 8.61
C VAL A 270 1.62 -22.33 7.71
N VAL A 271 0.47 -22.81 7.25
CA VAL A 271 -0.43 -22.02 6.41
C VAL A 271 -1.84 -22.10 6.96
N THR A 272 -2.70 -21.18 6.53
CA THR A 272 -4.11 -21.28 6.86
C THR A 272 -4.87 -22.05 5.80
N ASN A 273 -6.16 -22.17 6.07
CA ASN A 273 -7.13 -22.88 5.26
C ASN A 273 -7.69 -22.06 4.08
N THR A 274 -7.08 -20.90 3.78
CA THR A 274 -7.63 -19.99 2.76
C THR A 274 -7.60 -20.59 1.35
N ILE A 275 -6.64 -21.48 1.14
CA ILE A 275 -6.48 -22.26 -0.09
C ILE A 275 -6.45 -23.73 0.35
N PRO A 276 -7.03 -24.65 -0.45
CA PRO A 276 -6.97 -26.09 -0.11
C PRO A 276 -5.52 -26.59 -0.03
N GLN A 277 -5.21 -27.35 1.02
CA GLN A 277 -3.85 -27.81 1.26
C GLN A 277 -3.72 -29.34 1.29
N GLU A 278 -4.85 -30.03 1.43
CA GLU A 278 -4.93 -31.48 1.59
C GLU A 278 -4.08 -32.27 0.59
N ASP A 279 -4.19 -31.89 -0.68
CA ASP A 279 -3.40 -32.46 -1.77
C ASP A 279 -1.89 -32.28 -1.55
N LYS A 280 -1.51 -31.10 -1.07
CA LYS A 280 -0.10 -30.74 -0.89
C LYS A 280 0.53 -31.26 0.41
N MET A 281 -0.28 -31.42 1.45
CA MET A 281 0.17 -32.01 2.72
C MET A 281 0.57 -33.48 2.56
N LYS A 282 0.00 -34.15 1.56
CA LYS A 282 0.30 -35.54 1.26
C LYS A 282 1.71 -35.74 0.70
N HIS A 283 2.19 -34.74 -0.05
CA HIS A 283 3.53 -34.80 -0.64
C HIS A 283 4.56 -33.92 0.12
N CYS A 284 4.10 -33.25 1.17
CA CYS A 284 4.96 -32.40 2.00
C CYS A 284 4.61 -32.54 3.48
N SER A 285 5.44 -33.28 4.21
CA SER A 285 5.18 -33.64 5.60
C SER A 285 5.28 -32.48 6.59
N LYS A 286 6.11 -31.50 6.29
CA LYS A 286 6.34 -30.39 7.23
C LYS A 286 5.28 -29.29 7.22
N ILE A 287 4.33 -29.36 6.28
CA ILE A 287 3.21 -28.42 6.25
C ILE A 287 2.16 -28.71 7.33
N GLN A 288 1.82 -27.68 8.11
CA GLN A 288 0.71 -27.74 9.05
C GLN A 288 -0.27 -26.64 8.69
N VAL A 289 -1.56 -26.90 8.87
CA VAL A 289 -2.59 -25.91 8.56
C VAL A 289 -3.34 -25.43 9.80
N ILE A 290 -3.58 -24.12 9.87
CA ILE A 290 -4.51 -23.55 10.82
C ILE A 290 -5.85 -23.46 10.10
N ASP A 291 -6.87 -24.07 10.68
CA ASP A 291 -8.24 -23.98 10.17
C ASP A 291 -8.78 -22.58 10.47
N ILE A 292 -9.23 -21.88 9.43
CA ILE A 292 -9.77 -20.53 9.61
C ILE A 292 -11.26 -20.41 9.29
N SER A 293 -11.92 -21.56 9.13
CA SER A 293 -13.36 -21.63 8.86
C SER A 293 -14.21 -20.97 9.93
N MET A 294 -13.76 -21.05 11.18
CA MET A 294 -14.49 -20.47 12.31
C MET A 294 -14.47 -18.94 12.28
N ILE A 295 -13.32 -18.37 11.90
CA ILE A 295 -13.20 -16.92 11.69
C ILE A 295 -14.15 -16.44 10.58
N LEU A 296 -14.20 -17.19 9.47
CA LEU A 296 -15.02 -16.83 8.31
C LEU A 296 -16.50 -17.01 8.60
N ALA A 297 -16.86 -18.18 9.15
CA ALA A 297 -18.25 -18.44 9.53
C ALA A 297 -18.78 -17.39 10.51
N GLU A 298 -17.92 -17.00 11.44
CA GLU A 298 -18.23 -16.03 12.45
C GLU A 298 -18.40 -14.61 11.89
N ALA A 299 -17.58 -14.26 10.90
CA ALA A 299 -17.75 -13.00 10.17
C ALA A 299 -19.04 -12.98 9.35
N ILE A 300 -19.45 -14.14 8.82
CA ILE A 300 -20.69 -14.22 8.03
C ILE A 300 -21.93 -14.08 8.92
N ARG A 301 -21.95 -14.84 10.01
CA ARG A 301 -23.03 -14.77 10.99
C ARG A 301 -23.15 -13.36 11.56
N ARG A 302 -22.01 -12.76 11.90
CA ARG A 302 -21.99 -11.41 12.47
C ARG A 302 -22.35 -10.32 11.46
N THR A 303 -21.92 -10.50 10.21
CA THR A 303 -22.34 -9.62 9.10
C THR A 303 -23.85 -9.66 8.92
N HIS A 304 -24.40 -10.87 8.99
CA HIS A 304 -25.83 -11.10 8.81
C HIS A 304 -26.65 -10.56 9.97
N ASN A 305 -26.14 -10.73 11.19
CA ASN A 305 -26.84 -10.32 12.41
C ASN A 305 -26.61 -8.87 12.81
N GLY A 306 -25.68 -8.19 12.12
CA GLY A 306 -25.31 -6.83 12.46
C GLY A 306 -24.45 -6.72 13.71
N GLU A 307 -23.83 -7.84 14.10
CA GLU A 307 -22.96 -7.90 15.28
C GLU A 307 -21.52 -7.52 14.90
N SER A 308 -20.77 -7.03 15.88
CA SER A 308 -19.37 -6.65 15.72
C SER A 308 -18.53 -7.75 15.06
N VAL A 309 -17.79 -7.39 14.02
CA VAL A 309 -16.86 -8.30 13.35
C VAL A 309 -15.41 -7.96 13.75
N SER A 310 -15.24 -6.81 14.42
CA SER A 310 -13.92 -6.35 14.86
C SER A 310 -13.33 -7.21 15.98
N TYR A 311 -14.21 -7.88 16.74
CA TYR A 311 -13.80 -8.82 17.79
C TYR A 311 -12.83 -9.89 17.27
N LEU A 312 -13.04 -10.32 16.03
CA LEU A 312 -12.24 -11.37 15.39
C LEU A 312 -10.83 -10.90 14.97
N PHE A 313 -10.62 -9.59 14.91
CA PHE A 313 -9.34 -9.02 14.49
C PHE A 313 -8.20 -9.34 15.46
N ASN B 3 -3.50 26.05 -26.39
CA ASN B 3 -4.67 25.59 -25.60
C ASN B 3 -4.32 24.85 -24.30
N ILE B 4 -3.07 24.99 -23.86
CA ILE B 4 -2.69 24.59 -22.51
C ILE B 4 -2.92 25.79 -21.57
N LYS B 5 -3.62 25.56 -20.46
CA LYS B 5 -3.86 26.62 -19.49
C LYS B 5 -3.54 26.17 -18.07
N ILE B 6 -2.65 26.90 -17.41
CA ILE B 6 -2.29 26.61 -16.02
C ILE B 6 -2.95 27.61 -15.09
N PHE B 7 -3.60 27.09 -14.06
CA PHE B 7 -4.17 27.90 -12.99
C PHE B 7 -3.55 27.53 -11.65
N SER B 8 -3.45 28.51 -10.77
CA SER B 8 -2.91 28.29 -9.43
C SER B 8 -3.96 28.49 -8.33
N GLY B 9 -3.73 27.79 -7.21
CA GLY B 9 -4.59 27.91 -6.03
C GLY B 9 -4.18 29.06 -5.13
N SER B 10 -5.18 29.68 -4.49
CA SER B 10 -5.02 30.85 -3.61
C SER B 10 -3.88 31.82 -4.00
N SER B 11 -3.16 32.32 -2.99
CA SER B 11 -2.13 33.34 -3.19
C SER B 11 -0.71 32.78 -3.08
N HIS B 12 -0.61 31.45 -2.98
CA HIS B 12 0.68 30.76 -3.02
C HIS B 12 1.01 30.35 -4.46
N GLN B 13 1.25 31.36 -5.31
CA GLN B 13 1.58 31.15 -6.72
C GLN B 13 2.95 30.48 -6.85
N ASP B 14 3.81 30.70 -5.87
CA ASP B 14 5.19 30.21 -5.82
C ASP B 14 5.56 29.08 -6.81
N LEU B 15 5.20 27.85 -6.47
CA LEU B 15 5.50 26.67 -7.30
C LEU B 15 4.82 26.75 -8.66
N SER B 16 3.56 27.19 -8.67
CA SER B 16 2.79 27.22 -9.89
C SER B 16 3.33 28.28 -10.87
N GLN B 17 3.86 29.37 -10.33
CA GLN B 17 4.54 30.38 -11.13
C GLN B 17 5.83 29.85 -11.76
N LYS B 18 6.59 29.06 -10.99
CA LYS B 18 7.80 28.42 -11.52
C LYS B 18 7.47 27.46 -12.67
N ILE B 19 6.43 26.64 -12.46
CA ILE B 19 5.93 25.73 -13.48
C ILE B 19 5.50 26.51 -14.73
N ALA B 20 4.66 27.52 -14.56
CA ALA B 20 4.23 28.38 -15.67
C ALA B 20 5.40 29.06 -16.38
N ASP B 21 6.36 29.59 -15.61
CA ASP B 21 7.61 30.14 -16.17
C ASP B 21 8.31 29.14 -17.08
N ARG B 22 8.48 27.91 -16.59
CA ARG B 22 9.22 26.87 -17.32
C ARG B 22 8.50 26.42 -18.59
N LEU B 23 7.19 26.64 -18.65
CA LEU B 23 6.40 26.28 -19.82
C LEU B 23 6.22 27.44 -20.80
N GLY B 24 6.71 28.62 -20.43
CA GLY B 24 6.59 29.82 -21.28
C GLY B 24 5.22 30.45 -21.21
N LEU B 25 4.53 30.26 -20.09
CA LEU B 25 3.14 30.65 -19.95
C LEU B 25 2.92 31.57 -18.76
N GLU B 26 1.90 32.42 -18.88
CA GLU B 26 1.37 33.13 -17.73
C GLU B 26 0.26 32.28 -17.10
N LEU B 27 0.18 32.34 -15.78
CA LEU B 27 -0.90 31.71 -15.06
C LEU B 27 -2.22 32.36 -15.46
N GLY B 28 -3.24 31.54 -15.67
CA GLY B 28 -4.59 32.03 -15.98
C GLY B 28 -5.17 32.88 -14.87
N LYS B 29 -6.07 33.79 -15.25
CA LYS B 29 -6.67 34.73 -14.31
C LYS B 29 -7.73 34.03 -13.46
N VAL B 30 -7.54 34.05 -12.14
CA VAL B 30 -8.52 33.50 -11.18
C VAL B 30 -8.75 34.48 -10.04
N VAL B 31 -10.02 34.71 -9.72
CA VAL B 31 -10.41 35.34 -8.46
C VAL B 31 -10.56 34.18 -7.46
N THR B 32 -9.65 34.10 -6.49
CA THR B 32 -9.60 32.95 -5.57
C THR B 32 -9.39 33.32 -4.07
N LYS B 33 -10.49 33.43 -3.33
CA LYS B 33 -10.42 33.80 -1.90
C LYS B 33 -11.47 33.09 -1.02
N LYS B 34 -11.74 33.67 0.15
CA LYS B 34 -12.82 33.23 1.02
C LYS B 34 -13.86 34.32 1.20
N PHE B 35 -15.13 33.91 1.24
CA PHE B 35 -16.22 34.80 1.61
C PHE B 35 -16.17 35.06 3.11
N SER B 36 -17.01 35.96 3.59
CA SER B 36 -17.04 36.35 5.00
C SER B 36 -17.31 35.17 5.95
N ASN B 37 -18.23 34.29 5.55
CA ASN B 37 -18.56 33.09 6.34
C ASN B 37 -17.58 31.93 6.11
N GLN B 38 -16.42 32.26 5.54
CA GLN B 38 -15.28 31.35 5.27
C GLN B 38 -15.47 30.37 4.10
N GLU B 39 -16.61 30.49 3.40
CA GLU B 39 -16.85 29.75 2.16
C GLU B 39 -15.87 30.15 1.06
N THR B 40 -15.39 29.15 0.31
CA THR B 40 -14.43 29.39 -0.76
C THR B 40 -15.08 30.10 -1.94
N CYS B 41 -14.41 31.15 -2.38
CA CYS B 41 -14.85 31.98 -3.49
C CYS B 41 -13.92 31.77 -4.69
N VAL B 42 -14.49 31.32 -5.80
CA VAL B 42 -13.72 31.16 -7.06
C VAL B 42 -14.46 31.70 -8.28
N GLU B 43 -13.72 32.38 -9.16
CA GLU B 43 -14.21 32.70 -10.49
C GLU B 43 -13.07 32.64 -11.51
N ILE B 44 -13.27 31.83 -12.54
CA ILE B 44 -12.31 31.72 -13.65
C ILE B 44 -12.39 32.99 -14.51
N GLY B 45 -11.30 33.75 -14.51
CA GLY B 45 -11.27 35.07 -15.15
C GLY B 45 -11.09 35.09 -16.65
N GLU B 46 -10.99 33.91 -17.27
CA GLU B 46 -10.90 33.78 -18.72
C GLU B 46 -11.55 32.49 -19.23
N SER B 47 -11.87 32.45 -20.52
CA SER B 47 -12.47 31.27 -21.16
C SER B 47 -11.51 30.08 -21.08
N VAL B 48 -12.05 28.90 -20.75
CA VAL B 48 -11.28 27.66 -20.76
C VAL B 48 -11.92 26.66 -21.72
N ARG B 49 -12.88 27.14 -22.50
CA ARG B 49 -13.62 26.32 -23.48
C ARG B 49 -12.70 25.65 -24.50
N GLY B 50 -12.73 24.32 -24.52
CA GLY B 50 -11.91 23.53 -25.44
C GLY B 50 -10.43 23.48 -25.07
N GLU B 51 -10.08 23.96 -23.88
CA GLU B 51 -8.68 24.05 -23.43
C GLU B 51 -8.23 22.86 -22.58
N ASP B 52 -6.92 22.57 -22.63
CA ASP B 52 -6.31 21.57 -21.78
C ASP B 52 -5.88 22.25 -20.47
N VAL B 53 -6.65 22.04 -19.40
CA VAL B 53 -6.51 22.83 -18.17
C VAL B 53 -5.72 22.09 -17.08
N TYR B 54 -4.80 22.80 -16.44
CA TYR B 54 -4.04 22.28 -15.31
C TYR B 54 -4.24 23.18 -14.11
N ILE B 55 -4.72 22.61 -13.02
CA ILE B 55 -4.86 23.34 -11.77
C ILE B 55 -3.89 22.78 -10.73
N VAL B 56 -2.99 23.64 -10.27
CA VAL B 56 -1.99 23.31 -9.27
C VAL B 56 -2.53 23.69 -7.88
N GLN B 57 -2.60 22.70 -6.98
CA GLN B 57 -3.12 22.89 -5.62
C GLN B 57 -2.33 23.93 -4.83
N SER B 58 -3.04 24.85 -4.17
CA SER B 58 -2.42 25.93 -3.39
C SER B 58 -1.52 25.45 -2.27
N GLY B 59 -0.62 26.33 -1.82
CA GLY B 59 0.32 26.01 -0.75
C GLY B 59 0.03 26.68 0.58
N CYS B 60 -1.23 27.06 0.81
CA CYS B 60 -1.65 27.81 2.01
C CYS B 60 -1.28 27.17 3.35
N GLY B 61 -1.65 25.90 3.53
CA GLY B 61 -1.45 25.21 4.81
C GLY B 61 -2.74 24.71 5.43
N GLU B 62 -3.83 25.46 5.24
CA GLU B 62 -5.14 25.00 5.68
C GLU B 62 -5.66 24.05 4.61
N ILE B 63 -5.42 22.76 4.85
CA ILE B 63 -5.66 21.71 3.86
C ILE B 63 -7.11 21.62 3.35
N ASN B 64 -8.09 21.77 4.25
CA ASN B 64 -9.49 21.65 3.84
C ASN B 64 -9.95 22.79 2.96
N ASP B 65 -9.48 24.01 3.28
CA ASP B 65 -9.65 25.18 2.42
C ASP B 65 -9.02 24.95 1.03
N ASN B 66 -7.77 24.52 1.00
CA ASN B 66 -7.05 24.26 -0.24
C ASN B 66 -7.67 23.14 -1.05
N LEU B 67 -8.11 22.07 -0.37
CA LEU B 67 -8.79 20.97 -1.04
C LEU B 67 -10.11 21.41 -1.66
N MET B 68 -10.93 22.14 -0.90
CA MET B 68 -12.20 22.65 -1.43
C MET B 68 -12.00 23.64 -2.57
N GLU B 69 -11.02 24.53 -2.43
CA GLU B 69 -10.66 25.49 -3.48
C GLU B 69 -10.35 24.79 -4.79
N LEU B 70 -9.57 23.71 -4.69
CA LEU B 70 -9.16 22.90 -5.83
C LEU B 70 -10.37 22.24 -6.48
N LEU B 71 -11.24 21.65 -5.67
CA LEU B 71 -12.44 20.97 -6.15
C LEU B 71 -13.37 21.95 -6.84
N ILE B 72 -13.52 23.13 -6.23
CA ILE B 72 -14.35 24.20 -6.79
C ILE B 72 -13.80 24.71 -8.14
N MET B 73 -12.47 24.86 -8.22
CA MET B 73 -11.81 25.26 -9.46
C MET B 73 -11.97 24.23 -10.58
N ILE B 74 -11.82 22.95 -10.23
CA ILE B 74 -12.07 21.84 -11.17
C ILE B 74 -13.50 21.90 -11.70
N ASN B 75 -14.46 22.09 -10.78
CA ASN B 75 -15.87 22.17 -11.11
C ASN B 75 -16.19 23.33 -12.06
N ALA B 76 -15.63 24.51 -11.76
CA ALA B 76 -15.88 25.71 -12.54
C ALA B 76 -15.37 25.52 -13.97
N CYS B 77 -14.20 24.92 -14.11
CA CYS B 77 -13.59 24.64 -15.42
C CYS B 77 -14.33 23.58 -16.24
N LYS B 78 -14.79 22.53 -15.57
CA LYS B 78 -15.55 21.47 -16.22
C LYS B 78 -16.89 21.94 -16.78
N ILE B 79 -17.62 22.72 -16.01
CA ILE B 79 -18.93 23.23 -16.43
C ILE B 79 -18.77 24.43 -17.36
N ALA B 80 -17.53 24.95 -17.46
CA ALA B 80 -17.18 25.98 -18.44
C ALA B 80 -16.58 25.38 -19.73
N SER B 81 -16.81 24.09 -19.95
CA SER B 81 -16.47 23.37 -21.20
C SER B 81 -14.97 23.20 -21.50
N ALA B 82 -14.14 23.17 -20.46
CA ALA B 82 -12.75 22.72 -20.63
C ALA B 82 -12.72 21.39 -21.38
N SER B 83 -11.73 21.21 -22.25
CA SER B 83 -11.54 19.94 -22.94
C SER B 83 -11.12 18.83 -21.99
N ARG B 84 -10.19 19.14 -21.09
CA ARG B 84 -9.69 18.20 -20.11
C ARG B 84 -9.26 19.02 -18.90
N VAL B 85 -9.43 18.47 -17.70
CA VAL B 85 -8.95 19.11 -16.47
C VAL B 85 -8.04 18.15 -15.71
N THR B 86 -6.82 18.60 -15.41
CA THR B 86 -5.86 17.82 -14.67
C THR B 86 -5.60 18.49 -13.35
N ALA B 87 -5.66 17.70 -12.27
CA ALA B 87 -5.29 18.19 -10.97
C ALA B 87 -3.82 17.88 -10.74
N VAL B 88 -3.03 18.92 -10.61
CA VAL B 88 -1.62 18.80 -10.29
C VAL B 88 -1.51 18.99 -8.77
N ILE B 89 -1.34 17.88 -8.06
CA ILE B 89 -1.36 17.89 -6.61
C ILE B 89 -0.01 17.40 -6.11
N PRO B 90 0.96 18.32 -5.94
CA PRO B 90 2.32 17.93 -5.59
C PRO B 90 2.35 17.03 -4.35
N CYS B 91 1.64 17.43 -3.30
CA CYS B 91 1.53 16.62 -2.08
C CYS B 91 0.07 16.23 -1.89
N PHE B 92 -0.23 14.94 -2.03
CA PHE B 92 -1.61 14.48 -2.02
C PHE B 92 -2.19 14.51 -0.61
N PRO B 93 -3.28 15.26 -0.40
CA PRO B 93 -3.87 15.38 0.93
C PRO B 93 -4.51 14.08 1.40
N TYR B 94 -4.43 13.81 2.71
CA TYR B 94 -5.05 12.65 3.36
C TYR B 94 -4.48 11.30 2.97
N ALA B 95 -3.33 11.31 2.30
CA ALA B 95 -2.64 10.09 1.85
C ALA B 95 -2.28 9.11 2.97
N ARG B 96 -2.04 9.62 4.18
CA ARG B 96 -1.82 8.77 5.37
C ARG B 96 -3.08 8.11 5.92
N GLN B 97 -4.24 8.49 5.41
CA GLN B 97 -5.49 7.77 5.69
C GLN B 97 -5.90 6.93 4.48
N ASP B 98 -5.06 5.96 4.13
CA ASP B 98 -5.27 5.15 2.94
C ASP B 98 -5.70 3.72 3.27
N LYS B 99 -6.00 3.48 4.55
CA LYS B 99 -6.49 2.18 5.03
C LYS B 99 -7.22 2.34 6.37
N LYS B 100 -7.92 1.29 6.79
CA LYS B 100 -8.65 1.31 8.06
C LYS B 100 -7.74 1.17 9.28
N ASP B 101 -6.68 0.37 9.14
CA ASP B 101 -5.69 0.13 10.21
C ASP B 101 -6.25 -0.61 11.42
N LYS B 102 -6.95 -1.72 11.17
CA LYS B 102 -7.60 -2.54 12.21
C LYS B 102 -8.66 -1.77 13.03
N SER B 103 -8.98 -0.57 12.56
CA SER B 103 -9.83 0.37 13.29
C SER B 103 -11.07 0.76 12.47
N ARG B 104 -12.11 1.23 13.17
CA ARG B 104 -13.36 1.69 12.54
C ARG B 104 -13.17 3.12 11.96
N ALA B 105 -12.20 3.22 11.05
CA ALA B 105 -11.69 4.48 10.55
C ALA B 105 -12.17 4.77 9.12
N PRO B 106 -12.12 6.04 8.69
CA PRO B 106 -12.41 6.29 7.30
C PRO B 106 -11.17 6.00 6.44
N ILE B 107 -11.35 5.78 5.15
CA ILE B 107 -10.23 5.82 4.21
C ILE B 107 -10.38 7.15 3.47
N SER B 108 -9.94 8.22 4.12
CA SER B 108 -10.14 9.60 3.66
C SER B 108 -9.48 9.86 2.30
N ALA B 109 -8.39 9.16 2.03
CA ALA B 109 -7.69 9.25 0.76
C ALA B 109 -8.52 8.71 -0.40
N LYS B 110 -9.37 7.71 -0.13
CA LYS B 110 -10.30 7.22 -1.15
C LYS B 110 -11.45 8.20 -1.37
N LEU B 111 -11.97 8.76 -0.26
CA LEU B 111 -13.00 9.80 -0.37
C LEU B 111 -12.47 11.00 -1.17
N VAL B 112 -11.25 11.45 -0.85
CA VAL B 112 -10.58 12.55 -1.58
C VAL B 112 -10.48 12.25 -3.08
N ALA B 113 -10.09 11.01 -3.43
CA ALA B 113 -10.08 10.54 -4.80
C ALA B 113 -11.46 10.60 -5.42
N ASN B 114 -12.47 10.16 -4.68
CA ASN B 114 -13.85 10.18 -5.17
C ASN B 114 -14.38 11.59 -5.37
N MET B 115 -14.01 12.47 -4.46
CA MET B 115 -14.35 13.88 -4.58
C MET B 115 -13.72 14.52 -5.81
N LEU B 116 -12.41 14.31 -6.02
CA LEU B 116 -11.70 14.83 -7.21
C LEU B 116 -12.36 14.35 -8.50
N SER B 117 -12.70 13.06 -8.56
CA SER B 117 -13.39 12.44 -9.67
C SER B 117 -14.78 13.05 -9.94
N VAL B 118 -15.64 13.12 -8.92
CA VAL B 118 -16.97 13.74 -9.11
C VAL B 118 -16.92 15.24 -9.37
N ALA B 119 -15.83 15.90 -8.96
CA ALA B 119 -15.67 17.33 -9.24
C ALA B 119 -15.40 17.54 -10.72
N GLY B 120 -14.84 16.52 -11.38
CA GLY B 120 -14.58 16.55 -12.80
C GLY B 120 -13.12 16.37 -13.25
N ALA B 121 -12.25 15.89 -12.36
CA ALA B 121 -10.85 15.64 -12.74
C ALA B 121 -10.75 14.51 -13.75
N ASP B 122 -9.94 14.70 -14.79
CA ASP B 122 -9.77 13.73 -15.86
C ASP B 122 -8.44 13.03 -15.73
N HIS B 123 -7.57 13.62 -14.93
CA HIS B 123 -6.18 13.20 -14.85
C HIS B 123 -5.61 13.75 -13.55
N ILE B 124 -4.76 12.98 -12.88
CA ILE B 124 -4.04 13.45 -11.68
C ILE B 124 -2.53 13.41 -11.92
N ILE B 125 -1.86 14.50 -11.59
CA ILE B 125 -0.41 14.54 -11.51
C ILE B 125 0.01 14.82 -10.07
N THR B 126 0.78 13.91 -9.48
CA THR B 126 1.22 14.02 -8.10
C THR B 126 2.69 13.59 -7.97
N MET B 127 3.31 13.88 -6.84
CA MET B 127 4.66 13.39 -6.54
C MET B 127 4.71 12.56 -5.25
N ASP B 128 5.26 11.36 -5.36
CA ASP B 128 5.51 10.46 -4.24
C ASP B 128 4.33 10.20 -3.30
N LEU B 129 3.26 9.64 -3.86
CA LEU B 129 2.13 9.15 -3.09
C LEU B 129 2.62 8.33 -1.91
N HIS B 130 2.01 8.56 -0.76
CA HIS B 130 2.41 7.92 0.49
C HIS B 130 2.42 6.42 0.33
N ALA B 131 1.43 5.90 -0.39
CA ALA B 131 1.41 4.51 -0.83
C ALA B 131 0.98 4.49 -2.27
N SER B 132 1.73 3.76 -3.10
CA SER B 132 1.47 3.63 -4.54
C SER B 132 0.08 3.10 -4.88
N GLN B 133 -0.52 2.36 -3.94
CA GLN B 133 -1.87 1.82 -4.10
C GLN B 133 -2.95 2.87 -4.22
N ILE B 134 -2.64 4.10 -3.82
CA ILE B 134 -3.56 5.24 -3.95
C ILE B 134 -3.86 5.55 -5.43
N GLN B 135 -2.96 5.19 -6.34
CA GLN B 135 -3.29 5.30 -7.77
C GLN B 135 -4.55 4.50 -8.07
N GLY B 136 -4.66 3.32 -7.45
CA GLY B 136 -5.87 2.50 -7.58
C GLY B 136 -7.13 3.03 -6.89
N PHE B 137 -7.01 4.13 -6.12
CA PHE B 137 -8.21 4.77 -5.54
C PHE B 137 -8.98 5.57 -6.58
N PHE B 138 -8.36 5.76 -7.75
CA PHE B 138 -8.98 6.44 -8.88
C PHE B 138 -9.30 5.46 -10.00
N ASP B 139 -10.18 5.87 -10.91
CA ASP B 139 -10.36 5.13 -12.18
C ASP B 139 -9.73 5.91 -13.33
N ILE B 140 -9.61 7.22 -13.16
CA ILE B 140 -8.86 8.09 -14.09
C ILE B 140 -7.34 7.87 -13.95
N PRO B 141 -6.56 8.12 -15.03
CA PRO B 141 -5.11 7.98 -14.95
C PRO B 141 -4.48 8.93 -13.94
N VAL B 142 -3.53 8.39 -13.18
CA VAL B 142 -2.70 9.14 -12.25
C VAL B 142 -1.24 8.99 -12.68
N ASP B 143 -0.51 10.10 -12.71
CA ASP B 143 0.93 10.07 -12.84
C ASP B 143 1.57 10.37 -11.49
N ASN B 144 2.17 9.34 -10.91
CA ASN B 144 2.85 9.46 -9.63
C ASN B 144 4.34 9.63 -9.91
N LEU B 145 4.78 10.89 -9.94
CA LEU B 145 6.19 11.22 -10.15
C LEU B 145 7.03 10.90 -8.92
N TYR B 146 8.31 10.62 -9.15
CA TYR B 146 9.24 10.31 -8.07
C TYR B 146 10.26 11.41 -7.84
N ALA B 147 10.54 11.70 -6.57
CA ALA B 147 11.64 12.57 -6.23
C ALA B 147 12.99 11.85 -6.28
N GLU B 148 12.95 10.51 -6.32
CA GLU B 148 14.16 9.65 -6.30
C GLU B 148 15.32 10.13 -7.19
N PRO B 149 15.09 10.36 -8.51
CA PRO B 149 16.18 10.86 -9.36
C PRO B 149 16.85 12.13 -8.82
N ALA B 150 16.05 13.11 -8.39
CA ALA B 150 16.56 14.35 -7.82
C ALA B 150 17.21 14.15 -6.43
N VAL B 151 16.75 13.15 -5.69
CA VAL B 151 17.34 12.80 -4.39
C VAL B 151 18.72 12.12 -4.57
N LEU B 152 18.78 11.13 -5.45
CA LEU B 152 20.04 10.49 -5.84
C LEU B 152 21.06 11.52 -6.30
N LYS B 153 20.63 12.42 -7.18
CA LYS B 153 21.46 13.52 -7.66
C LYS B 153 21.94 14.41 -6.52
N TRP B 154 21.03 14.77 -5.59
CA TRP B 154 21.39 15.60 -4.45
C TRP B 154 22.43 14.91 -3.56
N ILE B 155 22.24 13.62 -3.30
CA ILE B 155 23.17 12.82 -2.49
C ILE B 155 24.57 12.78 -3.11
N ARG B 156 24.65 12.36 -4.38
CA ARG B 156 25.93 12.20 -5.08
C ARG B 156 26.75 13.50 -5.16
N GLU B 157 26.09 14.65 -5.24
CA GLU B 157 26.83 15.91 -5.31
C GLU B 157 26.93 16.73 -4.02
N ASN B 158 26.32 16.23 -2.93
CA ASN B 158 26.40 16.94 -1.65
C ASN B 158 27.02 16.16 -0.50
N ILE B 159 27.01 14.84 -0.59
CA ILE B 159 27.63 14.00 0.45
C ILE B 159 28.82 13.26 -0.14
N SER B 160 30.03 13.65 0.29
CA SER B 160 31.30 13.10 -0.24
C SER B 160 31.39 11.60 -0.03
N GLU B 161 30.90 11.15 1.13
CA GLU B 161 30.97 9.76 1.55
C GLU B 161 29.83 8.89 1.01
N TRP B 162 29.12 9.36 -0.03
CA TRP B 162 27.92 8.67 -0.52
C TRP B 162 28.13 7.23 -0.95
N ARG B 163 29.34 6.92 -1.42
CA ARG B 163 29.70 5.57 -1.84
C ARG B 163 29.86 4.63 -0.65
N ASN B 164 29.96 5.19 0.56
CA ASN B 164 30.07 4.39 1.78
C ASN B 164 29.04 4.75 2.86
N CYS B 165 27.88 5.24 2.44
CA CYS B 165 26.85 5.64 3.39
C CYS B 165 25.83 4.53 3.66
N THR B 166 24.95 4.74 4.63
CA THR B 166 23.81 3.85 4.86
C THR B 166 22.53 4.65 4.67
N ILE B 167 21.63 4.13 3.84
CA ILE B 167 20.29 4.68 3.66
C ILE B 167 19.36 4.05 4.70
N VAL B 168 18.72 4.89 5.52
CA VAL B 168 17.97 4.42 6.68
C VAL B 168 16.49 4.79 6.57
N SER B 169 15.62 3.79 6.81
CA SER B 169 14.19 4.06 6.94
C SER B 169 13.89 4.43 8.38
N PRO B 170 13.15 5.54 8.58
CA PRO B 170 12.69 5.93 9.92
C PRO B 170 11.59 5.03 10.49
N ASP B 171 10.96 4.22 9.63
CA ASP B 171 9.92 3.30 10.07
C ASP B 171 9.91 2.01 9.27
N ALA B 172 9.01 1.10 9.66
CA ALA B 172 8.89 -0.20 9.02
C ALA B 172 8.33 -0.06 7.61
N GLY B 173 7.38 0.87 7.44
CA GLY B 173 6.74 1.12 6.16
C GLY B 173 7.61 1.68 5.05
N GLY B 174 8.77 2.25 5.38
CA GLY B 174 9.65 2.85 4.37
C GLY B 174 10.75 1.96 3.82
N ALA B 175 10.73 0.68 4.18
CA ALA B 175 11.80 -0.27 3.82
C ALA B 175 12.06 -0.36 2.32
N LYS B 176 11.00 -0.63 1.56
CA LYS B 176 11.09 -0.73 0.10
C LYS B 176 11.80 0.47 -0.52
N ARG B 177 11.33 1.67 -0.18
CA ARG B 177 11.93 2.92 -0.66
C ARG B 177 13.43 3.01 -0.37
N VAL B 178 13.86 2.73 0.85
CA VAL B 178 15.28 2.84 1.19
C VAL B 178 16.16 1.77 0.54
N THR B 179 15.69 0.51 0.47
CA THR B 179 16.45 -0.55 -0.19
C THR B 179 16.63 -0.23 -1.67
N SER B 180 15.60 0.38 -2.26
CA SER B 180 15.62 0.80 -3.65
C SER B 180 16.68 1.87 -3.91
N ILE B 181 16.79 2.84 -3.02
CA ILE B 181 17.83 3.87 -3.09
C ILE B 181 19.23 3.32 -2.78
N ALA B 182 19.31 2.45 -1.77
CA ALA B 182 20.55 1.78 -1.39
C ALA B 182 21.13 0.90 -2.52
N ASP B 183 20.27 0.19 -3.23
CA ASP B 183 20.69 -0.66 -4.34
C ASP B 183 21.20 0.14 -5.53
N ARG B 184 20.47 1.20 -5.88
CA ARG B 184 20.91 2.13 -6.95
C ARG B 184 22.27 2.75 -6.66
N LEU B 185 22.46 3.20 -5.42
CA LEU B 185 23.75 3.78 -5.00
C LEU B 185 24.79 2.69 -4.72
N ASN B 186 24.34 1.44 -4.60
CA ASN B 186 25.18 0.29 -4.23
C ASN B 186 25.79 0.45 -2.83
N VAL B 187 24.92 0.76 -1.88
CA VAL B 187 25.31 0.94 -0.48
C VAL B 187 24.39 0.11 0.45
N ASP B 188 24.61 0.25 1.76
CA ASP B 188 23.85 -0.49 2.76
C ASP B 188 22.53 0.20 3.11
N PHE B 189 21.61 -0.54 3.71
CA PHE B 189 20.38 0.05 4.23
C PHE B 189 20.23 -0.35 5.69
N ALA B 190 19.44 0.43 6.42
CA ALA B 190 19.06 0.11 7.79
C ALA B 190 17.61 0.54 8.02
N LEU B 191 17.01 0.02 9.09
CA LEU B 191 15.62 0.31 9.40
C LEU B 191 15.41 0.57 10.88
N ILE B 192 14.74 1.68 11.17
CA ILE B 192 14.29 1.97 12.53
C ILE B 192 12.83 1.59 12.69
N HIS B 193 12.49 1.03 13.84
CA HIS B 193 11.11 0.70 14.18
C HIS B 193 10.82 1.14 15.62
N LYS B 194 9.73 1.89 15.80
CA LYS B 194 9.28 2.27 17.12
C LYS B 194 8.30 1.22 17.65
N GLU B 195 8.60 0.67 18.81
CA GLU B 195 7.77 -0.36 19.44
C GLU B 195 6.58 0.23 20.18
N ASP B 203 6.98 2.59 23.07
CA ASP B 203 7.61 3.91 23.00
C ASP B 203 9.12 3.80 23.13
N ARG B 204 9.73 3.02 22.24
CA ARG B 204 11.18 2.84 22.18
C ARG B 204 11.60 2.40 20.79
N MET B 205 12.70 2.95 20.29
CA MET B 205 13.18 2.64 18.95
C MET B 205 14.17 1.49 18.89
N VAL B 206 14.08 0.72 17.81
CA VAL B 206 15.08 -0.30 17.49
C VAL B 206 15.62 -0.12 16.09
N LEU B 207 16.93 -0.28 15.95
CA LEU B 207 17.58 -0.17 14.66
C LEU B 207 18.13 -1.52 14.26
N VAL B 208 17.80 -1.94 13.04
CA VAL B 208 18.43 -3.11 12.41
C VAL B 208 19.25 -2.65 11.22
N GLY B 209 20.48 -3.14 11.13
CA GLY B 209 21.40 -2.70 10.08
C GLY B 209 22.56 -1.91 10.64
N ASP B 210 23.68 -1.93 9.92
CA ASP B 210 24.92 -1.32 10.38
C ASP B 210 25.04 0.10 9.87
N VAL B 211 25.30 1.03 10.78
CA VAL B 211 25.52 2.43 10.43
C VAL B 211 26.85 2.93 10.97
N LYS B 212 27.57 2.05 11.66
CA LYS B 212 28.81 2.40 12.36
C LYS B 212 29.88 2.99 11.43
N ASP B 213 30.41 4.15 11.84
CA ASP B 213 31.45 4.88 11.09
C ASP B 213 31.08 5.19 9.64
N ARG B 214 29.78 5.32 9.38
CA ARG B 214 29.25 5.68 8.06
C ARG B 214 28.33 6.90 8.18
N VAL B 215 28.19 7.63 7.08
CA VAL B 215 27.18 8.69 6.99
C VAL B 215 25.83 7.99 6.90
N ALA B 216 24.88 8.43 7.74
CA ALA B 216 23.53 7.89 7.68
C ALA B 216 22.61 8.91 7.03
N ILE B 217 21.82 8.44 6.06
CA ILE B 217 20.82 9.28 5.43
C ILE B 217 19.44 8.69 5.69
N LEU B 218 18.67 9.37 6.53
CA LEU B 218 17.25 9.04 6.74
C LEU B 218 16.45 9.46 5.52
N VAL B 219 15.75 8.49 4.92
CA VAL B 219 14.97 8.76 3.72
C VAL B 219 13.53 8.33 3.96
N ASP B 220 12.61 9.29 3.81
CA ASP B 220 11.18 9.06 3.91
C ASP B 220 10.43 9.92 2.89
N ASP B 221 9.13 9.68 2.74
CA ASP B 221 8.32 10.41 1.76
C ASP B 221 7.90 11.79 2.28
N MET B 222 7.86 11.94 3.61
CA MET B 222 7.42 13.18 4.22
C MET B 222 7.99 13.36 5.62
N ALA B 223 8.05 14.61 6.06
CA ALA B 223 8.35 14.94 7.45
C ALA B 223 7.28 15.89 7.96
N ASP B 224 6.58 15.47 9.01
CA ASP B 224 5.53 16.30 9.60
C ASP B 224 6.01 16.97 10.88
N THR B 225 5.58 16.47 12.04
CA THR B 225 6.01 17.03 13.34
C THR B 225 7.50 16.78 13.61
N CYS B 226 8.07 15.82 12.88
CA CYS B 226 9.51 15.52 12.91
C CYS B 226 9.98 14.84 14.19
N GLY B 227 9.03 14.43 15.04
CA GLY B 227 9.34 13.62 16.20
C GLY B 227 10.15 12.39 15.81
N THR B 228 9.74 11.73 14.73
CA THR B 228 10.33 10.45 14.32
C THR B 228 11.75 10.59 13.74
N ILE B 229 11.97 11.53 12.83
CA ILE B 229 13.32 11.70 12.25
C ILE B 229 14.33 12.19 13.29
N CYS B 230 13.86 13.03 14.22
CA CYS B 230 14.72 13.57 15.27
C CYS B 230 15.19 12.49 16.23
N HIS B 231 14.27 11.61 16.64
CA HIS B 231 14.62 10.48 17.52
C HIS B 231 15.48 9.44 16.81
N ALA B 232 15.16 9.18 15.55
CA ALA B 232 15.94 8.29 14.69
C ALA B 232 17.38 8.76 14.48
N ALA B 233 17.56 10.08 14.32
CA ALA B 233 18.89 10.68 14.22
C ALA B 233 19.75 10.48 15.47
N ASP B 234 19.16 10.64 16.66
CA ASP B 234 19.85 10.36 17.93
C ASP B 234 20.26 8.91 17.98
N LYS B 235 19.31 8.03 17.65
CA LYS B 235 19.50 6.59 17.65
C LYS B 235 20.66 6.19 16.74
N LEU B 236 20.76 6.83 15.58
CA LEU B 236 21.79 6.51 14.60
C LEU B 236 23.18 6.95 15.07
N LEU B 237 23.28 8.17 15.61
CA LEU B 237 24.50 8.63 16.27
C LEU B 237 24.92 7.71 17.42
N SER B 238 23.96 7.30 18.25
CA SER B 238 24.20 6.29 19.30
C SER B 238 24.72 4.96 18.77
N ALA B 239 24.37 4.66 17.52
CA ALA B 239 24.82 3.44 16.88
C ALA B 239 26.14 3.63 16.09
N GLY B 240 26.70 4.83 16.16
CA GLY B 240 28.02 5.09 15.59
C GLY B 240 28.05 5.76 14.23
N ALA B 241 26.91 6.18 13.73
CA ALA B 241 26.87 6.97 12.49
C ALA B 241 27.75 8.21 12.65
N THR B 242 28.44 8.56 11.57
CA THR B 242 29.36 9.69 11.52
C THR B 242 28.60 11.00 11.59
N ARG B 243 27.62 11.13 10.70
CA ARG B 243 26.68 12.23 10.71
C ARG B 243 25.39 11.73 10.06
N VAL B 244 24.30 12.42 10.38
CA VAL B 244 22.96 12.05 9.94
C VAL B 244 22.38 13.15 9.07
N TYR B 245 21.83 12.71 7.94
CA TYR B 245 21.03 13.55 7.06
C TYR B 245 19.62 13.00 7.08
N ALA B 246 18.64 13.86 6.81
CA ALA B 246 17.27 13.42 6.55
C ALA B 246 16.85 14.02 5.21
N ILE B 247 16.36 13.19 4.30
CA ILE B 247 15.88 13.66 2.99
C ILE B 247 14.45 13.17 2.78
N LEU B 248 13.51 14.11 2.78
CA LEU B 248 12.10 13.79 2.56
C LEU B 248 11.60 14.47 1.29
N THR B 249 10.60 13.92 0.63
CA THR B 249 10.04 14.68 -0.50
C THR B 249 9.12 15.82 0.00
N HIS B 250 8.17 15.49 0.88
CA HIS B 250 7.21 16.47 1.36
C HIS B 250 7.59 17.03 2.74
N GLY B 251 7.95 18.32 2.76
CA GLY B 251 8.27 19.02 4.01
C GLY B 251 7.06 19.72 4.60
N ILE B 252 6.30 18.97 5.39
CA ILE B 252 5.09 19.49 6.02
C ILE B 252 5.43 20.38 7.23
N PHE B 253 6.27 19.86 8.13
CA PHE B 253 6.82 20.66 9.24
C PHE B 253 5.75 21.44 10.03
N SER B 254 4.69 20.75 10.45
CA SER B 254 3.65 21.38 11.27
C SER B 254 4.02 21.29 12.75
N GLY B 255 3.23 21.93 13.60
CA GLY B 255 3.44 21.86 15.05
C GLY B 255 4.84 22.34 15.44
N PRO B 256 5.55 21.54 16.25
CA PRO B 256 6.90 21.88 16.73
C PRO B 256 8.06 21.40 15.85
N ALA B 257 7.80 21.12 14.58
CA ALA B 257 8.84 20.57 13.69
C ALA B 257 10.09 21.44 13.60
N ILE B 258 9.89 22.74 13.38
CA ILE B 258 11.00 23.68 13.19
C ILE B 258 11.87 23.81 14.45
N SER B 259 11.22 23.84 15.61
CA SER B 259 11.90 23.80 16.92
C SER B 259 12.65 22.50 17.12
N ARG B 260 12.01 21.40 16.74
CA ARG B 260 12.59 20.07 16.81
C ARG B 260 13.84 19.91 15.92
N ILE B 261 13.80 20.46 14.71
CA ILE B 261 14.91 20.35 13.75
C ILE B 261 16.11 21.21 14.18
N ASN B 262 15.81 22.40 14.69
CA ASN B 262 16.82 23.30 15.24
C ASN B 262 17.56 22.73 16.46
N ASN B 263 16.96 21.76 17.14
CA ASN B 263 17.54 21.14 18.34
C ASN B 263 18.06 19.72 18.11
N ALA B 264 17.91 19.22 16.89
CA ALA B 264 18.35 17.87 16.53
C ALA B 264 19.78 17.85 15.96
N CYS B 265 20.36 16.66 15.89
CA CYS B 265 21.73 16.48 15.46
C CYS B 265 21.90 16.26 13.94
N PHE B 266 21.03 16.87 13.15
CA PHE B 266 21.08 16.76 11.70
C PHE B 266 22.19 17.61 11.10
N GLU B 267 22.90 17.05 10.12
CA GLU B 267 23.80 17.85 9.32
C GLU B 267 22.95 18.75 8.43
N ALA B 268 21.89 18.19 7.86
CA ALA B 268 20.95 18.91 7.00
C ALA B 268 19.64 18.14 6.88
N VAL B 269 18.55 18.89 6.71
CA VAL B 269 17.25 18.31 6.40
C VAL B 269 16.89 18.77 4.99
N VAL B 270 16.75 17.82 4.07
CA VAL B 270 16.50 18.13 2.66
C VAL B 270 15.07 17.75 2.25
N VAL B 271 14.36 18.71 1.67
CA VAL B 271 12.99 18.46 1.18
C VAL B 271 12.79 19.01 -0.23
N THR B 272 11.69 18.64 -0.89
CA THR B 272 11.33 19.29 -2.16
C THR B 272 10.47 20.52 -1.91
N ASN B 273 10.21 21.28 -2.97
CA ASN B 273 9.26 22.37 -2.89
C ASN B 273 7.84 21.93 -3.33
N THR B 274 7.45 20.69 -3.03
CA THR B 274 6.06 20.26 -3.25
C THR B 274 5.15 21.09 -2.35
N ILE B 275 5.74 21.57 -1.27
CA ILE B 275 5.11 22.45 -0.28
C ILE B 275 6.03 23.67 -0.13
N PRO B 276 5.47 24.89 -0.07
CA PRO B 276 6.26 26.12 0.16
C PRO B 276 7.11 26.07 1.44
N GLN B 277 8.38 26.46 1.32
CA GLN B 277 9.38 26.20 2.34
C GLN B 277 10.09 27.49 2.81
N GLU B 278 9.87 28.58 2.07
CA GLU B 278 10.57 29.86 2.28
C GLU B 278 10.49 30.36 3.72
N ASP B 279 9.28 30.43 4.26
CA ASP B 279 9.06 30.89 5.62
C ASP B 279 9.70 29.97 6.67
N LYS B 280 9.62 28.66 6.45
CA LYS B 280 10.20 27.66 7.37
C LYS B 280 11.73 27.73 7.38
N MET B 281 12.33 28.01 6.22
CA MET B 281 13.77 28.14 6.08
C MET B 281 14.33 29.37 6.82
N LYS B 282 13.53 30.43 6.91
CA LYS B 282 13.90 31.65 7.63
C LYS B 282 14.15 31.40 9.12
N HIS B 283 13.37 30.47 9.69
CA HIS B 283 13.49 30.10 11.10
C HIS B 283 14.26 28.79 11.33
N CYS B 284 14.86 28.25 10.27
CA CYS B 284 15.53 26.96 10.32
C CYS B 284 16.62 26.83 9.24
N SER B 285 17.87 27.03 9.65
CA SER B 285 18.99 27.04 8.70
C SER B 285 19.39 25.66 8.18
N LYS B 286 18.98 24.59 8.87
CA LYS B 286 19.28 23.22 8.44
C LYS B 286 18.52 22.75 7.19
N ILE B 287 17.46 23.47 6.82
CA ILE B 287 16.65 23.08 5.67
C ILE B 287 17.26 23.55 4.34
N GLN B 288 17.39 22.60 3.42
CA GLN B 288 17.72 22.90 2.04
C GLN B 288 16.60 22.32 1.17
N VAL B 289 16.34 22.99 0.05
CA VAL B 289 15.22 22.64 -0.83
C VAL B 289 15.73 22.16 -2.19
N ILE B 290 15.14 21.08 -2.68
CA ILE B 290 15.31 20.68 -4.08
C ILE B 290 14.11 21.23 -4.86
N ASP B 291 14.40 22.00 -5.91
CA ASP B 291 13.36 22.51 -6.80
C ASP B 291 12.87 21.39 -7.71
N ILE B 292 11.60 21.05 -7.58
CA ILE B 292 11.02 20.01 -8.44
C ILE B 292 10.05 20.59 -9.49
N SER B 293 10.03 21.92 -9.63
CA SER B 293 9.15 22.58 -10.59
C SER B 293 9.36 22.12 -12.03
N MET B 294 10.62 21.78 -12.38
CA MET B 294 10.95 21.30 -13.72
C MET B 294 10.39 19.92 -14.03
N ILE B 295 10.36 19.05 -13.01
CA ILE B 295 9.76 17.72 -13.11
C ILE B 295 8.25 17.81 -13.29
N LEU B 296 7.61 18.71 -12.55
CA LEU B 296 6.18 18.97 -12.71
C LEU B 296 5.84 19.62 -14.06
N ALA B 297 6.60 20.65 -14.43
CA ALA B 297 6.40 21.36 -15.70
C ALA B 297 6.55 20.42 -16.89
N GLU B 298 7.57 19.57 -16.84
CA GLU B 298 7.85 18.56 -17.85
C GLU B 298 6.75 17.50 -17.96
N ALA B 299 6.24 17.01 -16.82
CA ALA B 299 5.07 16.09 -16.81
C ALA B 299 3.80 16.71 -17.41
N ILE B 300 3.60 18.01 -17.20
CA ILE B 300 2.46 18.73 -17.78
C ILE B 300 2.62 18.85 -19.29
N ARG B 301 3.82 19.28 -19.70
CA ARG B 301 4.19 19.41 -21.10
C ARG B 301 4.06 18.08 -21.87
N ARG B 302 4.55 16.99 -21.27
CA ARG B 302 4.41 15.65 -21.87
C ARG B 302 2.95 15.20 -21.94
N THR B 303 2.24 15.36 -20.82
CA THR B 303 0.80 15.08 -20.72
C THR B 303 0.06 15.74 -21.87
N HIS B 304 0.33 17.03 -22.07
CA HIS B 304 -0.32 17.82 -23.10
C HIS B 304 0.01 17.33 -24.51
N ASN B 305 1.26 16.92 -24.72
CA ASN B 305 1.78 16.53 -26.05
C ASN B 305 1.64 15.05 -26.38
N GLY B 306 1.22 14.25 -25.39
CA GLY B 306 1.11 12.80 -25.57
C GLY B 306 2.48 12.12 -25.60
N GLU B 307 3.46 12.75 -24.96
CA GLU B 307 4.81 12.21 -24.86
C GLU B 307 5.05 11.51 -23.52
N SER B 308 6.06 10.64 -23.50
CA SER B 308 6.38 9.78 -22.37
C SER B 308 6.72 10.56 -21.09
N VAL B 309 5.98 10.29 -20.03
CA VAL B 309 6.26 10.85 -18.71
C VAL B 309 7.19 9.89 -17.93
N SER B 310 7.32 8.66 -18.42
CA SER B 310 8.15 7.61 -17.83
C SER B 310 9.63 7.99 -17.72
N TYR B 311 10.08 8.79 -18.68
CA TYR B 311 11.42 9.37 -18.68
C TYR B 311 11.78 9.99 -17.32
N LEU B 312 10.81 10.68 -16.72
CA LEU B 312 11.03 11.43 -15.48
C LEU B 312 11.24 10.58 -14.22
N PHE B 313 10.84 9.30 -14.26
CA PHE B 313 10.89 8.41 -13.08
C PHE B 313 12.30 8.01 -12.65
N SER B 314 13.25 8.11 -13.57
CA SER B 314 14.65 7.78 -13.28
C SER B 314 15.62 8.79 -13.91
N HIS B 315 15.08 9.86 -14.49
CA HIS B 315 15.89 10.90 -15.13
C HIS B 315 15.48 12.28 -14.61
N VAL B 316 16.48 13.12 -14.33
CA VAL B 316 16.27 14.51 -13.96
C VAL B 316 16.39 15.37 -15.22
N PRO B 317 15.37 16.20 -15.53
CA PRO B 317 15.48 17.07 -16.69
C PRO B 317 16.55 18.16 -16.51
S SO4 C . -17.84 -3.76 13.67
O1 SO4 C . -17.32 -2.53 13.12
O2 SO4 C . -17.22 -4.89 12.99
O3 SO4 C . -17.51 -3.82 15.09
O4 SO4 C . -19.28 -3.81 13.49
S SO4 D . 7.48 -16.56 -3.98
O1 SO4 D . 6.94 -15.25 -3.61
O2 SO4 D . 8.93 -16.51 -4.11
O3 SO4 D . 7.12 -17.52 -2.93
O4 SO4 D . 6.91 -16.98 -5.27
S SO4 E . -6.90 -2.86 7.66
O1 SO4 E . -6.51 -1.50 7.28
O2 SO4 E . -5.73 -3.50 8.25
O3 SO4 E . -7.98 -2.77 8.64
O4 SO4 E . -7.35 -3.63 6.51
CD CD F . 6.37 -10.21 0.67
P AMP G . 4.99 -6.63 -4.06
O1P AMP G . 3.58 -6.18 -3.77
O2P AMP G . 5.96 -5.47 -4.19
O3P AMP G . 5.49 -7.75 -3.17
O5' AMP G . 4.95 -7.29 -5.53
C5' AMP G . 6.18 -7.55 -6.23
C4' AMP G . 6.01 -7.99 -7.69
O4' AMP G . 5.13 -9.11 -7.83
C3' AMP G . 5.50 -6.92 -8.65
O3' AMP G . 6.58 -6.50 -9.48
C2' AMP G . 4.42 -7.60 -9.48
O2' AMP G . 4.61 -7.37 -10.88
C1' AMP G . 4.60 -9.08 -9.16
N9 AMP G . 3.37 -9.90 -9.25
C8 AMP G . 2.09 -9.51 -9.37
N7 AMP G . 1.25 -10.58 -9.41
C5 AMP G . 2.00 -11.69 -9.31
C6 AMP G . 1.77 -13.16 -9.28
N6 AMP G . 0.52 -13.69 -9.38
N1 AMP G . 2.85 -13.98 -9.17
C2 AMP G . 4.10 -13.49 -9.08
N3 AMP G . 4.38 -12.17 -9.10
C4 AMP G . 3.40 -11.24 -9.21
S SO4 H . 4.40 7.09 -20.55
O1 SO4 H . 3.72 7.87 -21.58
O2 SO4 H . 5.72 6.68 -21.01
O3 SO4 H . 4.52 7.89 -19.35
O4 SO4 H . 3.62 5.90 -20.28
S SO4 I . 6.35 12.87 12.03
O1 SO4 I . 5.17 13.65 12.40
O2 SO4 I . 7.28 13.69 11.25
O3 SO4 I . 7.02 12.41 13.25
O4 SO4 I . 5.92 11.74 11.21
S SO4 J . 3.93 3.54 -8.50
O1 SO4 J . 2.66 4.23 -8.57
O2 SO4 J . 4.58 3.58 -9.80
O3 SO4 J . 4.76 4.19 -7.48
O4 SO4 J . 3.72 2.15 -8.12
CD CD K . 7.35 6.07 6.27
P AMP L . 1.16 4.79 7.77
O1P AMP L . 2.08 5.93 8.13
O2P AMP L . 0.40 4.94 6.47
O3P AMP L . 1.75 3.40 7.97
O5' AMP L . 0.03 4.88 8.94
C5' AMP L . -0.94 5.93 8.93
C4' AMP L . -1.30 6.36 10.35
O4' AMP L . -1.20 7.78 10.43
C3' AMP L . -2.73 5.98 10.70
O3' AMP L . -2.79 5.43 12.01
C2' AMP L . -3.51 7.28 10.66
O2' AMP L . -4.49 7.32 11.70
C1' AMP L . -2.45 8.35 10.87
N9 AMP L . -2.72 9.60 10.12
C8 AMP L . -3.57 9.79 9.09
N7 AMP L . -3.55 11.08 8.66
C5 AMP L . -2.68 11.75 9.43
C6 AMP L . -2.16 13.14 9.53
N6 AMP L . -2.60 14.11 8.71
N1 AMP L . -1.25 13.40 10.49
C2 AMP L . -0.79 12.45 11.34
N3 AMP L . -1.21 11.17 11.30
C4 AMP L . -2.13 10.77 10.39
#